data_5V4N
#
_entry.id   5V4N
#
_cell.length_a   82.086
_cell.length_b   118.410
_cell.length_c   120.875
_cell.angle_alpha   90.00
_cell.angle_beta   90.00
_cell.angle_gamma   90.00
#
_symmetry.space_group_name_H-M   'P 21 21 21'
#
loop_
_entity.id
_entity.type
_entity.pdbx_description
1 polymer HLA-DRA1
2 polymer alpha3(135-145)-HLA-DRB1*01:01
3 non-polymer 2-acetamido-2-deoxy-beta-D-glucopyranose
#
loop_
_entity_poly.entity_id
_entity_poly.type
_entity_poly.pdbx_seq_one_letter_code
_entity_poly.pdbx_strand_id
1 'polypeptide(L)'
;IKEEHVIIQAEFYLNPDQSGEFMFDFDGDEIFHVDMAKKETVWRLEEFGRFASFEAQGALANIAVDKANLEIMTKRSNYT
PITNVPPEVTVLTNSPVELREPNVLICFIDKFTPPVVNVTWLRNGKPVTTGVSETVFLPREDHLFRKFHYLPFLPSTEDV
YDCRVEHWGLDEPLLKHWEFDTSGDDDDK
;
A,D
2 'polypeptide(L)'
;GWISLWKGFSFGSGGSIEGRGGSGASGDTRPRFLWQLKFECHFFNGTERVRLLERCIYNQEESVRFDSDVGEYRAVTELG
RPDAEYWNSQKDLLEQRRAAVDTYCRHNYGVGESFTVQRRVEPKVTVYPSKTQPLQHHNLLVCSVSGFYPGSIEVRWFRN
GQEEKAGVVSTGLIQNGDWTFQTLVMLETVPRSGEVYTCQVEHPSVTSPLTVEWRA
;
C,F
#
loop_
_chem_comp.id
_chem_comp.type
_chem_comp.name
_chem_comp.formula
NAG D-saccharide, beta linking 2-acetamido-2-deoxy-beta-D-glucopyranose 'C8 H15 N O6'
#
# COMPACT_ATOMS: atom_id res chain seq x y z
N GLU A 4 9.60 -11.73 -1.71
CA GLU A 4 9.57 -10.28 -1.93
C GLU A 4 10.16 -9.52 -0.75
N HIS A 5 11.04 -8.57 -1.06
CA HIS A 5 11.67 -7.74 -0.04
C HIS A 5 11.85 -6.34 -0.61
N VAL A 6 11.97 -5.37 0.28
CA VAL A 6 12.10 -3.96 -0.10
C VAL A 6 13.21 -3.33 0.73
N ILE A 7 14.18 -2.71 0.06
CA ILE A 7 15.26 -1.98 0.70
C ILE A 7 15.05 -0.50 0.39
N ILE A 8 14.97 0.32 1.44
CA ILE A 8 14.68 1.74 1.30
C ILE A 8 15.89 2.55 1.79
N GLN A 9 16.30 3.52 0.99
CA GLN A 9 17.29 4.52 1.40
C GLN A 9 16.54 5.81 1.65
N ALA A 10 16.34 6.13 2.93
CA ALA A 10 15.51 7.26 3.34
C ALA A 10 16.36 8.30 4.05
N GLU A 11 16.27 9.55 3.61
CA GLU A 11 16.91 10.68 4.25
C GLU A 11 15.93 11.82 4.33
N PHE A 12 16.17 12.74 5.27
CA PHE A 12 15.32 13.92 5.40
C PHE A 12 16.11 15.06 6.01
N TYR A 13 15.56 16.27 5.86
CA TYR A 13 16.11 17.47 6.46
C TYR A 13 14.95 18.33 6.95
N LEU A 14 15.12 18.94 8.12
CA LEU A 14 14.06 19.68 8.77
C LEU A 14 14.57 21.07 9.19
N ASN A 15 13.78 22.10 8.90
CA ASN A 15 14.07 23.46 9.33
C ASN A 15 12.95 23.98 10.22
N PRO A 16 13.24 24.99 11.08
CA PRO A 16 14.51 25.67 11.31
C PRO A 16 15.42 24.92 12.28
N ASP A 17 14.96 23.75 12.76
CA ASP A 17 15.75 22.97 13.70
C ASP A 17 17.08 22.53 13.11
N GLN A 18 17.20 22.49 11.77
CA GLN A 18 18.40 22.04 11.09
C GLN A 18 18.77 20.62 11.53
N SER A 19 17.75 19.76 11.63
CA SER A 19 17.93 18.36 11.99
C SER A 19 17.84 17.50 10.72
N GLY A 20 18.83 16.63 10.54
CA GLY A 20 18.87 15.77 9.38
C GLY A 20 19.19 14.35 9.79
N GLU A 21 18.91 13.42 8.87
CA GLU A 21 19.08 12.01 9.16
C GLU A 21 19.26 11.25 7.87
N PHE A 22 20.06 10.18 7.94
CA PHE A 22 20.31 9.30 6.81
C PHE A 22 20.32 7.87 7.35
N MET A 23 19.59 6.98 6.69
CA MET A 23 19.45 5.63 7.21
C MET A 23 18.93 4.71 6.12
N PHE A 24 19.19 3.41 6.29
CA PHE A 24 18.72 2.36 5.40
C PHE A 24 17.73 1.48 6.13
N ASP A 25 16.58 1.25 5.52
CA ASP A 25 15.50 0.47 6.12
C ASP A 25 15.25 -0.76 5.26
N PHE A 26 15.17 -1.93 5.90
CA PHE A 26 14.94 -3.20 5.22
C PHE A 26 13.71 -3.86 5.84
N ASP A 27 12.63 -3.92 5.06
CA ASP A 27 11.38 -4.55 5.50
C ASP A 27 10.90 -3.96 6.82
N GLY A 28 11.11 -2.65 6.99
CA GLY A 28 10.69 -1.94 8.17
C GLY A 28 11.67 -1.94 9.33
N ASP A 29 12.77 -2.68 9.23
CA ASP A 29 13.78 -2.73 10.28
C ASP A 29 15.03 -1.97 9.82
N GLU A 30 15.52 -1.10 10.69
CA GLU A 30 16.67 -0.26 10.35
C GLU A 30 17.93 -1.10 10.20
N ILE A 31 18.61 -0.95 9.07
CA ILE A 31 19.91 -1.60 8.90
C ILE A 31 20.99 -0.80 9.60
N PHE A 32 21.03 0.51 9.37
CA PHE A 32 22.00 1.41 10.01
C PHE A 32 21.58 2.84 9.76
N HIS A 33 22.15 3.74 10.56
CA HIS A 33 21.97 5.18 10.40
C HIS A 33 23.32 5.86 10.57
N VAL A 34 23.47 7.01 9.94
CA VAL A 34 24.71 7.78 9.98
C VAL A 34 24.59 8.86 11.05
N ASP A 35 25.52 8.87 12.00
CA ASP A 35 25.50 9.84 13.08
C ASP A 35 26.13 11.15 12.60
N MET A 36 25.33 12.21 12.58
CA MET A 36 25.81 13.49 12.06
C MET A 36 26.92 14.09 12.93
N ALA A 37 26.74 14.04 14.25
CA ALA A 37 27.69 14.70 15.16
C ALA A 37 29.05 14.03 15.10
N LYS A 38 29.10 12.70 15.16
CA LYS A 38 30.36 11.97 15.15
C LYS A 38 30.85 11.64 13.75
N LYS A 39 30.04 11.89 12.72
CA LYS A 39 30.43 11.71 11.32
C LYS A 39 30.88 10.28 11.01
N GLU A 40 30.12 9.30 11.50
CA GLU A 40 30.47 7.91 11.26
C GLU A 40 29.20 7.07 11.17
N THR A 41 29.36 5.88 10.58
CA THR A 41 28.25 4.96 10.39
C THR A 41 27.95 4.21 11.69
N VAL A 42 26.65 4.10 12.00
CA VAL A 42 26.19 3.42 13.20
C VAL A 42 25.27 2.29 12.77
N TRP A 43 25.75 1.06 12.86
CA TRP A 43 24.95 -0.10 12.48
C TRP A 43 23.94 -0.43 13.56
N ARG A 44 22.74 -0.86 13.14
CA ARG A 44 21.70 -1.20 14.09
C ARG A 44 22.12 -2.39 14.95
N LEU A 45 22.64 -3.44 14.32
CA LEU A 45 23.22 -4.57 15.01
C LEU A 45 24.70 -4.66 14.64
N GLU A 46 25.55 -4.96 15.63
CA GLU A 46 26.98 -4.95 15.37
C GLU A 46 27.40 -6.09 14.45
N GLU A 47 26.63 -7.20 14.44
CA GLU A 47 26.95 -8.32 13.57
C GLU A 47 27.06 -7.89 12.11
N PHE A 48 26.27 -6.89 11.71
CA PHE A 48 26.27 -6.46 10.32
C PHE A 48 27.62 -5.86 9.90
N GLY A 49 28.30 -5.20 10.84
CA GLY A 49 29.53 -4.51 10.51
C GLY A 49 30.63 -5.41 9.98
N ARG A 50 30.66 -6.67 10.40
CA ARG A 50 31.69 -7.58 9.90
C ARG A 50 31.49 -7.94 8.44
N PHE A 51 30.24 -8.05 8.00
CA PHE A 51 29.96 -8.54 6.65
C PHE A 51 30.09 -7.45 5.59
N ALA A 52 29.76 -6.20 5.92
CA ALA A 52 29.77 -5.13 4.94
C ALA A 52 30.34 -3.86 5.56
N SER A 53 30.39 -2.79 4.76
CA SER A 53 30.87 -1.50 5.21
C SER A 53 30.22 -0.42 4.35
N PHE A 54 30.33 0.83 4.81
CA PHE A 54 29.74 1.96 4.11
C PHE A 54 30.54 3.21 4.43
N GLU A 55 30.70 4.06 3.41
CA GLU A 55 31.46 5.30 3.54
C GLU A 55 30.52 6.41 3.97
N ALA A 56 30.69 6.90 5.21
CA ALA A 56 29.81 7.93 5.74
C ALA A 56 29.93 9.26 5.01
N GLN A 57 31.02 9.46 4.25
CA GLN A 57 31.16 10.71 3.51
C GLN A 57 30.07 10.83 2.45
N GLY A 58 29.79 9.75 1.72
CA GLY A 58 28.72 9.77 0.74
C GLY A 58 27.36 10.08 1.33
N ALA A 59 27.15 9.69 2.59
CA ALA A 59 25.90 10.01 3.27
C ALA A 59 25.82 11.52 3.56
N LEU A 60 26.89 12.08 4.13
CA LEU A 60 26.91 13.50 4.45
C LEU A 60 26.80 14.37 3.21
N ALA A 61 27.20 13.86 2.04
CA ALA A 61 27.05 14.64 0.81
C ALA A 61 25.58 14.79 0.42
N ASN A 62 24.79 13.72 0.59
CA ASN A 62 23.37 13.81 0.26
C ASN A 62 22.62 14.73 1.22
N ILE A 63 23.01 14.73 2.50
CA ILE A 63 22.34 15.58 3.48
C ILE A 63 22.48 17.06 3.10
N ALA A 64 23.67 17.45 2.66
CA ALA A 64 23.89 18.84 2.24
C ALA A 64 22.95 19.22 1.10
N VAL A 65 22.68 18.29 0.18
CA VAL A 65 21.75 18.55 -0.90
C VAL A 65 20.32 18.68 -0.35
N ASP A 66 19.96 17.83 0.62
CA ASP A 66 18.63 17.89 1.22
C ASP A 66 18.35 19.26 1.82
N LYS A 67 19.35 19.85 2.49
CA LYS A 67 19.19 21.22 2.99
C LYS A 67 18.94 22.18 1.84
N ALA A 68 19.67 22.02 0.73
CA ALA A 68 19.49 22.91 -0.41
C ALA A 68 18.12 22.76 -1.03
N ASN A 69 17.72 21.51 -1.34
CA ASN A 69 16.42 21.30 -1.97
C ASN A 69 15.27 21.67 -1.04
N LEU A 70 15.45 21.53 0.28
CA LEU A 70 14.41 21.96 1.21
C LEU A 70 14.21 23.47 1.13
N GLU A 71 15.31 24.23 1.03
CA GLU A 71 15.18 25.67 0.88
C GLU A 71 14.57 26.07 -0.46
N ILE A 72 14.84 25.30 -1.51
CA ILE A 72 14.25 25.58 -2.81
C ILE A 72 12.76 25.26 -2.82
N MET A 73 12.39 24.09 -2.26
CA MET A 73 10.99 23.69 -2.25
C MET A 73 10.14 24.56 -1.35
N THR A 74 10.71 25.07 -0.25
CA THR A 74 9.93 25.92 0.65
C THR A 74 9.49 27.20 -0.04
N LYS A 75 10.42 27.87 -0.71
CA LYS A 75 10.08 29.11 -1.42
C LYS A 75 9.07 28.85 -2.53
N ARG A 76 9.22 27.73 -3.24
CA ARG A 76 8.25 27.41 -4.29
C ARG A 76 6.85 27.21 -3.73
N SER A 77 6.74 26.59 -2.56
CA SER A 77 5.47 26.31 -1.91
C SER A 77 4.84 27.53 -1.24
N ASN A 78 5.39 28.73 -1.46
CA ASN A 78 4.92 29.95 -0.80
C ASN A 78 5.09 29.87 0.72
N TYR A 79 6.11 29.12 1.16
CA TYR A 79 6.45 28.99 2.57
C TYR A 79 5.32 28.31 3.36
N THR A 80 4.67 27.35 2.73
CA THR A 80 3.64 26.58 3.42
C THR A 80 4.25 25.80 4.56
N PRO A 81 3.69 25.85 5.77
CA PRO A 81 4.24 25.09 6.88
C PRO A 81 3.62 23.69 6.94
N ILE A 82 4.16 22.89 7.85
CA ILE A 82 3.72 21.51 7.98
C ILE A 82 2.63 21.44 9.05
N THR A 83 1.71 20.50 8.89
CA THR A 83 0.64 20.27 9.84
C THR A 83 1.06 19.16 10.79
N ASN A 84 1.22 19.51 12.07
CA ASN A 84 1.63 18.53 13.06
C ASN A 84 0.65 17.37 13.11
N VAL A 85 1.18 16.17 13.34
CA VAL A 85 0.39 14.97 13.50
C VAL A 85 0.77 14.35 14.84
N PRO A 86 -0.15 14.25 15.80
CA PRO A 86 0.19 13.69 17.09
C PRO A 86 0.54 12.22 16.97
N PRO A 87 1.47 11.72 17.77
CA PRO A 87 1.87 10.31 17.69
C PRO A 87 0.80 9.43 18.32
N GLU A 88 1.02 8.12 18.22
CA GLU A 88 0.12 7.11 18.79
C GLU A 88 1.00 6.13 19.54
N VAL A 89 1.19 6.40 20.83
CA VAL A 89 2.13 5.66 21.67
C VAL A 89 1.55 4.31 22.08
N THR A 90 2.44 3.35 22.31
CA THR A 90 2.05 2.02 22.78
C THR A 90 3.23 1.42 23.54
N VAL A 91 2.99 1.05 24.79
CA VAL A 91 4.03 0.48 25.66
C VAL A 91 3.76 -1.02 25.80
N LEU A 92 4.80 -1.81 25.54
CA LEU A 92 4.68 -3.27 25.65
C LEU A 92 6.00 -3.83 26.14
N THR A 93 5.95 -5.07 26.61
CA THR A 93 7.13 -5.75 27.12
C THR A 93 7.79 -6.57 26.01
N ASN A 94 9.04 -6.95 26.27
CA ASN A 94 9.82 -7.74 25.32
C ASN A 94 9.57 -9.24 25.44
N SER A 95 9.00 -9.69 26.56
CA SER A 95 8.80 -11.11 26.81
C SER A 95 7.77 -11.23 27.92
N PRO A 96 7.30 -12.46 28.22
CA PRO A 96 6.42 -12.65 29.37
C PRO A 96 7.05 -12.12 30.67
N VAL A 97 6.19 -11.68 31.57
CA VAL A 97 6.60 -10.93 32.75
C VAL A 97 6.60 -11.89 33.95
N GLU A 98 7.79 -12.21 34.43
CA GLU A 98 7.98 -12.99 35.64
C GLU A 98 8.69 -12.13 36.68
N LEU A 99 8.23 -12.22 37.94
CA LEU A 99 8.86 -11.45 39.00
C LEU A 99 10.33 -11.83 39.13
N ARG A 100 11.17 -10.83 39.40
CA ARG A 100 12.61 -10.98 39.57
C ARG A 100 13.31 -11.52 38.32
N GLU A 101 12.69 -11.42 37.15
CA GLU A 101 13.28 -11.85 35.89
C GLU A 101 13.56 -10.65 35.00
N PRO A 102 14.81 -10.41 34.62
CA PRO A 102 15.14 -9.20 33.84
C PRO A 102 14.41 -9.20 32.51
N ASN A 103 13.96 -8.01 32.10
CA ASN A 103 13.18 -7.85 30.89
C ASN A 103 13.44 -6.46 30.32
N VAL A 104 12.78 -6.16 29.21
CA VAL A 104 12.93 -4.89 28.53
C VAL A 104 11.54 -4.27 28.36
N LEU A 105 11.49 -2.94 28.42
CA LEU A 105 10.27 -2.19 28.17
C LEU A 105 10.42 -1.40 26.89
N ILE A 106 9.37 -1.38 26.07
CA ILE A 106 9.41 -0.76 24.76
C ILE A 106 8.33 0.30 24.70
N CYS A 107 8.68 1.45 24.14
CA CYS A 107 7.74 2.54 23.89
C CYS A 107 7.75 2.82 22.39
N PHE A 108 6.68 2.42 21.71
CA PHE A 108 6.60 2.47 20.26
C PHE A 108 5.84 3.73 19.84
N ILE A 109 6.59 4.75 19.43
CA ILE A 109 6.01 5.98 18.90
C ILE A 109 5.81 5.83 17.40
N ASP A 110 4.63 6.20 16.91
CA ASP A 110 4.27 5.93 15.53
C ASP A 110 3.30 6.99 15.05
N LYS A 111 3.26 7.16 13.72
CA LYS A 111 2.28 8.02 13.05
C LYS A 111 2.37 9.46 13.56
N PHE A 112 3.50 10.10 13.27
CA PHE A 112 3.69 11.48 13.69
C PHE A 112 4.59 12.20 12.71
N THR A 113 4.46 13.52 12.69
CA THR A 113 5.29 14.41 11.90
C THR A 113 5.07 15.83 12.44
N PRO A 114 6.11 16.68 12.43
CA PRO A 114 7.50 16.44 11.98
C PRO A 114 8.28 15.53 12.91
N PRO A 115 9.47 14.92 12.39
CA PRO A 115 10.21 13.92 13.18
C PRO A 115 11.10 14.56 14.25
N VAL A 116 10.45 15.20 15.22
CA VAL A 116 11.12 15.75 16.40
C VAL A 116 10.19 15.52 17.59
N VAL A 117 10.60 14.65 18.50
CA VAL A 117 9.87 14.38 19.74
C VAL A 117 10.89 14.27 20.86
N ASN A 118 10.40 14.41 22.09
CA ASN A 118 11.24 14.27 23.26
C ASN A 118 10.59 13.29 24.21
N VAL A 119 11.27 12.16 24.45
CA VAL A 119 10.74 11.03 25.20
C VAL A 119 11.55 10.84 26.47
N THR A 120 10.86 10.72 27.60
CA THR A 120 11.48 10.51 28.90
C THR A 120 10.72 9.41 29.63
N TRP A 121 11.44 8.38 30.07
CA TRP A 121 10.82 7.33 30.85
C TRP A 121 10.52 7.82 32.26
N LEU A 122 9.36 7.41 32.80
CA LEU A 122 8.89 7.85 34.11
C LEU A 122 8.48 6.64 34.94
N ARG A 123 9.47 5.95 35.50
CA ARG A 123 9.20 4.88 36.46
C ARG A 123 8.81 5.47 37.81
N ASN A 124 7.81 4.86 38.44
CA ASN A 124 7.20 5.36 39.66
C ASN A 124 6.79 6.81 39.37
N GLY A 125 7.27 7.80 40.11
CA GLY A 125 7.08 9.20 39.80
C GLY A 125 8.41 9.86 39.47
N LYS A 126 9.48 9.07 39.48
CA LYS A 126 10.84 9.54 39.28
C LYS A 126 11.35 9.15 37.90
N PRO A 127 11.87 10.09 37.11
CA PRO A 127 12.34 9.74 35.77
C PRO A 127 13.47 8.73 35.83
N VAL A 128 13.67 8.04 34.70
CA VAL A 128 14.73 7.05 34.56
C VAL A 128 15.59 7.39 33.36
N THR A 129 16.91 7.33 33.56
CA THR A 129 17.89 7.69 32.54
C THR A 129 18.86 6.57 32.21
N THR A 130 18.93 5.51 33.02
CA THR A 130 19.95 4.50 32.87
C THR A 130 19.41 3.28 32.14
N GLY A 131 20.30 2.62 31.40
CA GLY A 131 19.96 1.44 30.64
C GLY A 131 19.16 1.68 29.38
N VAL A 132 18.77 2.92 29.09
CA VAL A 132 17.87 3.17 27.97
C VAL A 132 18.65 3.27 26.67
N SER A 133 17.93 3.04 25.57
CA SER A 133 18.42 3.20 24.21
C SER A 133 17.26 3.64 23.36
N GLU A 134 17.51 3.87 22.08
CA GLU A 134 16.45 4.30 21.16
C GLU A 134 16.87 4.00 19.74
N THR A 135 15.97 4.31 18.81
CA THR A 135 16.24 4.22 17.39
C THR A 135 15.89 5.54 16.75
N VAL A 136 16.64 5.91 15.72
CA VAL A 136 16.34 7.12 14.96
C VAL A 136 15.01 6.93 14.24
N PHE A 137 14.46 8.03 13.72
CA PHE A 137 13.14 8.01 13.11
C PHE A 137 13.13 7.11 11.88
N LEU A 138 12.21 6.12 11.87
CA LEU A 138 12.17 5.22 10.74
C LEU A 138 11.09 5.66 9.74
N PRO A 139 11.31 5.38 8.45
CA PRO A 139 10.36 5.85 7.44
C PRO A 139 9.08 5.03 7.44
N ARG A 140 8.06 5.59 6.79
CA ARG A 140 6.76 4.96 6.67
C ARG A 140 6.27 5.10 5.24
N GLU A 141 5.18 4.41 4.92
CA GLU A 141 4.60 4.53 3.59
C GLU A 141 3.86 5.85 3.42
N ASP A 142 3.08 6.25 4.41
CA ASP A 142 2.37 7.54 4.38
C ASP A 142 3.29 8.71 4.70
N HIS A 143 4.59 8.48 4.80
CA HIS A 143 5.63 9.49 4.99
C HIS A 143 5.61 10.10 6.39
N LEU A 144 4.89 9.48 7.33
CA LEU A 144 5.06 9.79 8.74
C LEU A 144 6.29 9.07 9.26
N PHE A 145 6.44 8.96 10.57
CA PHE A 145 7.66 8.40 11.13
C PHE A 145 7.37 7.39 12.22
N ARG A 146 8.41 6.63 12.56
CA ARG A 146 8.37 5.57 13.55
C ARG A 146 9.59 5.72 14.44
N LYS A 147 9.42 5.41 15.73
CA LYS A 147 10.52 5.50 16.66
C LYS A 147 10.33 4.49 17.78
N PHE A 148 11.45 4.04 18.36
CA PHE A 148 11.42 3.10 19.47
C PHE A 148 12.23 3.66 20.62
N HIS A 149 11.78 3.39 21.84
CA HIS A 149 12.52 3.73 23.05
C HIS A 149 12.45 2.55 24.00
N TYR A 150 13.60 2.10 24.46
CA TYR A 150 13.70 0.91 25.29
C TYR A 150 14.07 1.26 26.72
N LEU A 151 13.82 0.31 27.62
CA LEU A 151 14.15 0.43 29.03
C LEU A 151 14.25 -0.95 29.68
N PRO A 152 15.44 -1.53 29.74
CA PRO A 152 15.62 -2.74 30.54
C PRO A 152 15.40 -2.46 32.02
N PHE A 153 14.63 -3.33 32.66
CA PHE A 153 14.23 -3.11 34.04
C PHE A 153 14.12 -4.47 34.74
N LEU A 154 13.64 -4.46 35.97
CA LEU A 154 13.44 -5.66 36.77
C LEU A 154 12.03 -5.64 37.33
N PRO A 155 11.15 -6.55 36.90
CA PRO A 155 9.76 -6.52 37.36
C PRO A 155 9.61 -6.77 38.85
N SER A 156 8.63 -6.10 39.44
CA SER A 156 8.28 -6.21 40.84
C SER A 156 6.85 -5.71 40.99
N THR A 157 6.16 -6.23 42.01
CA THR A 157 4.74 -5.90 42.18
C THR A 157 4.54 -4.41 42.40
N GLU A 158 5.45 -3.76 43.12
CA GLU A 158 5.25 -2.39 43.56
C GLU A 158 6.00 -1.36 42.71
N ASP A 159 6.39 -1.70 41.49
CA ASP A 159 7.06 -0.75 40.60
C ASP A 159 6.17 -0.49 39.38
N VAL A 160 5.95 0.79 39.08
CA VAL A 160 5.13 1.22 37.96
C VAL A 160 5.96 2.08 37.02
N TYR A 161 5.71 1.95 35.73
CA TYR A 161 6.45 2.65 34.69
C TYR A 161 5.50 3.47 33.83
N ASP A 162 6.04 4.54 33.23
CA ASP A 162 5.30 5.40 32.32
C ASP A 162 6.23 5.83 31.21
N CYS A 163 5.65 6.06 30.03
CA CYS A 163 6.37 6.62 28.89
C CYS A 163 5.78 7.98 28.59
N ARG A 164 6.57 9.03 28.79
CA ARG A 164 6.11 10.40 28.63
C ARG A 164 6.64 10.93 27.30
N VAL A 165 5.73 11.30 26.40
CA VAL A 165 6.07 11.73 25.05
C VAL A 165 5.64 13.18 24.87
N GLU A 166 6.53 14.00 24.32
CA GLU A 166 6.26 15.40 24.05
C GLU A 166 6.34 15.64 22.56
N HIS A 167 5.26 16.14 21.96
CA HIS A 167 5.22 16.47 20.55
C HIS A 167 4.38 17.72 20.33
N TRP A 168 4.78 18.50 19.32
CA TRP A 168 4.11 19.77 19.04
C TRP A 168 2.67 19.58 18.57
N GLY A 169 2.32 18.37 18.11
CA GLY A 169 0.95 18.08 17.76
C GLY A 169 0.04 17.75 18.92
N LEU A 170 0.57 17.74 20.15
CA LEU A 170 -0.20 17.36 21.33
C LEU A 170 -0.42 18.56 22.23
N ASP A 171 -1.58 18.58 22.89
CA ASP A 171 -1.89 19.63 23.85
C ASP A 171 -1.30 19.31 25.22
N GLU A 172 -1.39 18.06 25.64
CA GLU A 172 -0.81 17.61 26.89
C GLU A 172 0.07 16.41 26.61
N PRO A 173 1.19 16.27 27.33
CA PRO A 173 2.09 15.13 27.10
C PRO A 173 1.34 13.81 27.25
N LEU A 174 1.47 12.96 26.24
CA LEU A 174 0.76 11.69 26.25
C LEU A 174 1.43 10.75 27.25
N LEU A 175 0.66 10.26 28.22
CA LEU A 175 1.16 9.40 29.27
C LEU A 175 0.63 7.99 29.04
N LYS A 176 1.53 7.05 28.80
CA LYS A 176 1.19 5.64 28.65
C LYS A 176 1.74 4.89 29.85
N HIS A 177 0.90 4.07 30.47
CA HIS A 177 1.24 3.43 31.73
C HIS A 177 1.46 1.93 31.53
N TRP A 178 2.27 1.35 32.42
CA TRP A 178 2.48 -0.09 32.46
C TRP A 178 2.68 -0.52 33.91
N GLU A 179 2.01 -1.60 34.30
CA GLU A 179 2.16 -2.16 35.63
C GLU A 179 1.85 -3.65 35.58
N PHE A 180 2.49 -4.40 36.48
CA PHE A 180 2.24 -5.84 36.58
C PHE A 180 0.85 -6.04 37.19
N ASP A 181 -0.03 -6.74 36.47
CA ASP A 181 -1.39 -7.00 36.93
C ASP A 181 -1.60 -8.50 37.07
N THR A 182 -2.01 -8.93 38.26
CA THR A 182 -2.30 -10.35 38.51
C THR A 182 -3.05 -10.53 39.82
N TRP B 2 28.59 -1.45 -0.62
CA TRP B 2 27.29 -0.85 -0.36
C TRP B 2 27.22 0.56 -0.93
N ILE B 3 26.35 0.76 -1.92
CA ILE B 3 26.26 2.02 -2.65
C ILE B 3 25.11 2.85 -2.09
N SER B 4 25.28 4.17 -2.16
CA SER B 4 24.20 5.12 -1.90
C SER B 4 24.06 6.00 -3.13
N LEU B 5 22.83 6.22 -3.57
CA LEU B 5 22.59 6.90 -4.82
C LEU B 5 22.69 8.42 -4.63
N TRP B 6 23.32 9.08 -5.59
CA TRP B 6 23.54 10.53 -5.52
C TRP B 6 22.29 11.27 -6.01
N LYS B 7 22.22 12.56 -5.70
CA LYS B 7 21.05 13.34 -6.07
C LYS B 7 21.51 14.72 -6.53
N GLY B 8 20.83 15.26 -7.55
CA GLY B 8 21.08 16.61 -8.02
C GLY B 8 20.31 17.66 -7.24
N PHE B 9 20.20 18.85 -7.83
CA PHE B 9 19.49 19.96 -7.22
C PHE B 9 18.14 20.19 -7.89
N SER B 10 17.24 20.84 -7.16
CA SER B 10 15.93 21.20 -7.69
C SER B 10 16.05 22.45 -8.56
N PHE B 11 14.91 23.01 -8.95
CA PHE B 11 14.84 24.18 -9.82
C PHE B 11 14.43 25.39 -8.99
N GLY B 12 15.34 26.37 -8.89
CA GLY B 12 15.03 27.62 -8.23
C GLY B 12 16.03 27.95 -7.14
N SER B 13 15.60 28.76 -6.18
CA SER B 13 16.44 29.20 -5.09
C SER B 13 15.62 29.82 -3.95
N THR B 29 8.19 27.33 18.72
CA THR B 29 6.99 28.06 18.33
C THR B 29 7.04 28.43 16.85
N ARG B 30 8.26 28.51 16.32
CA ARG B 30 8.45 28.83 14.91
C ARG B 30 7.81 27.76 14.02
N PRO B 31 7.45 28.10 12.79
CA PRO B 31 6.91 27.09 11.86
C PRO B 31 7.99 26.13 11.41
N ARG B 32 7.56 24.95 10.99
CA ARG B 32 8.46 23.88 10.59
C ARG B 32 8.25 23.53 9.13
N PHE B 33 9.35 23.19 8.45
CA PHE B 33 9.33 22.77 7.05
C PHE B 33 10.13 21.49 6.92
N LEU B 34 9.53 20.47 6.30
CA LEU B 34 10.15 19.16 6.19
C LEU B 34 10.29 18.74 4.73
N TRP B 35 11.44 18.14 4.41
CA TRP B 35 11.73 17.61 3.10
C TRP B 35 12.41 16.26 3.26
N GLN B 36 12.05 15.30 2.42
CA GLN B 36 12.59 13.96 2.53
C GLN B 36 12.50 13.26 1.19
N LEU B 37 13.47 12.40 0.91
CA LEU B 37 13.43 11.55 -0.28
C LEU B 37 13.69 10.11 0.13
N LYS B 38 13.15 9.19 -0.66
CA LYS B 38 13.22 7.77 -0.38
C LYS B 38 13.52 7.01 -1.67
N PHE B 39 14.55 6.18 -1.64
CA PHE B 39 14.89 5.29 -2.75
C PHE B 39 14.43 3.88 -2.40
N GLU B 40 13.40 3.39 -3.09
CA GLU B 40 12.82 2.08 -2.81
C GLU B 40 13.25 1.08 -3.87
N CYS B 41 13.85 -0.02 -3.45
CA CYS B 41 14.16 -1.15 -4.32
C CYS B 41 13.20 -2.28 -3.99
N HIS B 42 12.48 -2.77 -4.99
CA HIS B 42 11.50 -3.84 -4.82
C HIS B 42 11.98 -5.09 -5.57
N PHE B 43 12.05 -6.21 -4.85
CA PHE B 43 12.51 -7.48 -5.41
C PHE B 43 11.34 -8.46 -5.46
N PHE B 44 11.08 -8.99 -6.65
CA PHE B 44 10.03 -10.00 -6.85
C PHE B 44 10.65 -11.31 -7.33
N ASN B 45 10.32 -12.40 -6.64
CA ASN B 45 10.87 -13.73 -6.94
C ASN B 45 12.40 -13.67 -6.89
N GLY B 46 12.92 -12.98 -5.88
CA GLY B 46 14.34 -12.73 -5.79
C GLY B 46 14.76 -11.61 -6.74
N THR B 47 15.96 -11.77 -7.30
CA THR B 47 16.55 -10.75 -8.16
C THR B 47 15.93 -10.73 -9.56
N GLU B 48 15.06 -11.69 -9.89
CA GLU B 48 14.55 -11.81 -11.26
C GLU B 48 13.91 -10.52 -11.73
N ARG B 49 13.05 -9.92 -10.93
CA ARG B 49 12.37 -8.67 -11.29
C ARG B 49 12.64 -7.65 -10.20
N VAL B 50 13.31 -6.56 -10.56
CA VAL B 50 13.69 -5.51 -9.62
C VAL B 50 13.10 -4.20 -10.12
N ARG B 51 12.71 -3.34 -9.18
CA ARG B 51 12.06 -2.08 -9.52
C ARG B 51 12.54 -1.00 -8.58
N LEU B 52 12.96 0.14 -9.15
CA LEU B 52 13.52 1.24 -8.37
C LEU B 52 12.55 2.41 -8.42
N LEU B 53 12.26 2.98 -7.25
CA LEU B 53 11.29 4.05 -7.12
C LEU B 53 11.87 5.13 -6.22
N GLU B 54 12.06 6.32 -6.78
CA GLU B 54 12.58 7.47 -6.06
C GLU B 54 11.44 8.45 -5.82
N ARG B 55 11.36 8.98 -4.59
CA ARG B 55 10.29 9.89 -4.21
C ARG B 55 10.89 11.15 -3.61
N CYS B 56 10.27 12.29 -3.86
CA CYS B 56 10.65 13.56 -3.27
C CYS B 56 9.44 14.13 -2.55
N ILE B 57 9.51 14.19 -1.22
CA ILE B 57 8.35 14.48 -0.38
C ILE B 57 8.60 15.77 0.37
N TYR B 58 7.92 16.85 -0.05
CA TYR B 58 7.93 18.09 0.70
C TYR B 58 6.78 18.06 1.70
N ASN B 59 7.11 18.29 2.97
CA ASN B 59 6.16 18.15 4.09
C ASN B 59 5.63 16.72 4.05
N GLN B 60 4.34 16.49 3.90
CA GLN B 60 3.80 15.13 3.84
C GLN B 60 3.23 14.76 2.48
N GLU B 61 3.46 15.56 1.45
CA GLU B 61 2.92 15.29 0.12
C GLU B 61 4.05 14.99 -0.85
N GLU B 62 3.90 13.90 -1.59
CA GLU B 62 4.85 13.56 -2.64
C GLU B 62 4.67 14.49 -3.82
N SER B 63 5.77 14.99 -4.36
CA SER B 63 5.73 15.97 -5.44
C SER B 63 6.24 15.45 -6.77
N VAL B 64 7.36 14.73 -6.79
CA VAL B 64 7.94 14.19 -8.01
C VAL B 64 8.48 12.80 -7.71
N ARG B 65 8.57 11.97 -8.75
CA ARG B 65 9.07 10.61 -8.59
C ARG B 65 9.69 10.11 -9.87
N PHE B 66 10.57 9.12 -9.74
CA PHE B 66 11.17 8.42 -10.86
C PHE B 66 10.89 6.93 -10.70
N ASP B 67 10.19 6.35 -11.67
CA ASP B 67 9.84 4.94 -11.64
C ASP B 67 10.69 4.20 -12.68
N SER B 68 11.34 3.13 -12.24
CA SER B 68 12.15 2.33 -13.16
C SER B 68 11.31 1.78 -14.30
N ASP B 69 10.02 1.52 -14.05
CA ASP B 69 9.14 0.97 -15.08
C ASP B 69 8.88 2.00 -16.18
N VAL B 70 8.71 3.28 -15.82
CA VAL B 70 8.48 4.31 -16.82
C VAL B 70 9.79 4.85 -17.37
N GLY B 71 10.83 4.96 -16.55
CA GLY B 71 12.12 5.41 -17.00
C GLY B 71 12.30 6.91 -17.06
N GLU B 72 11.36 7.69 -16.53
CA GLU B 72 11.47 9.14 -16.55
C GLU B 72 11.00 9.69 -15.20
N TYR B 73 11.18 11.00 -15.04
CA TYR B 73 10.71 11.70 -13.84
C TYR B 73 9.32 12.23 -14.10
N ARG B 74 8.39 11.90 -13.19
CA ARG B 74 7.01 12.37 -13.31
C ARG B 74 6.60 13.10 -12.04
N ALA B 75 5.75 14.10 -12.21
CA ALA B 75 5.31 14.96 -11.11
C ALA B 75 4.06 14.42 -10.46
N VAL B 76 4.04 14.43 -9.12
CA VAL B 76 2.89 13.96 -8.36
C VAL B 76 1.97 15.13 -7.98
N THR B 77 2.54 16.30 -7.70
CA THR B 77 1.73 17.47 -7.42
C THR B 77 2.17 18.66 -8.26
N GLU B 78 1.61 19.83 -7.97
CA GLU B 78 1.99 21.04 -8.70
C GLU B 78 3.42 21.46 -8.38
N LEU B 79 3.92 21.10 -7.20
CA LEU B 79 5.29 21.46 -6.83
C LEU B 79 6.32 20.69 -7.64
N GLY B 80 6.01 19.45 -7.98
CA GLY B 80 6.98 18.62 -8.67
C GLY B 80 7.09 18.83 -10.16
N ARG B 81 6.27 19.70 -10.74
CA ARG B 81 6.33 19.92 -12.19
C ARG B 81 7.65 20.55 -12.64
N PRO B 82 8.18 21.59 -11.98
CA PRO B 82 9.48 22.12 -12.43
C PRO B 82 10.60 21.09 -12.38
N ASP B 83 10.69 20.32 -11.30
CA ASP B 83 11.74 19.31 -11.19
C ASP B 83 11.63 18.26 -12.27
N ALA B 84 10.41 17.84 -12.61
CA ALA B 84 10.23 16.81 -13.62
C ALA B 84 10.76 17.26 -14.98
N GLU B 85 10.36 18.46 -15.42
CA GLU B 85 10.89 19.00 -16.66
C GLU B 85 12.39 19.23 -16.57
N TYR B 86 12.87 19.73 -15.43
CA TYR B 86 14.29 20.03 -15.26
C TYR B 86 15.12 18.75 -15.28
N TRP B 87 14.79 17.79 -14.41
CA TRP B 87 15.61 16.60 -14.28
C TRP B 87 15.55 15.71 -15.52
N ASN B 88 14.41 15.69 -16.23
CA ASN B 88 14.34 14.94 -17.47
C ASN B 88 15.21 15.56 -18.56
N SER B 89 15.50 16.86 -18.47
CA SER B 89 16.40 17.48 -19.44
C SER B 89 17.82 16.94 -19.32
N GLN B 90 18.22 16.51 -18.13
CA GLN B 90 19.57 15.97 -17.90
C GLN B 90 19.59 14.52 -18.38
N LYS B 91 20.08 14.32 -19.60
CA LYS B 91 20.11 12.97 -20.18
C LYS B 91 21.03 12.05 -19.40
N ASP B 92 22.16 12.56 -18.92
CA ASP B 92 23.10 11.72 -18.18
C ASP B 92 22.46 11.20 -16.90
N LEU B 93 21.62 12.02 -16.26
CA LEU B 93 20.94 11.58 -15.04
C LEU B 93 19.97 10.44 -15.34
N LEU B 94 19.18 10.58 -16.41
CA LEU B 94 18.22 9.54 -16.75
C LEU B 94 18.93 8.25 -17.13
N GLU B 95 19.96 8.34 -17.98
CA GLU B 95 20.68 7.15 -18.38
C GLU B 95 21.36 6.48 -17.19
N GLN B 96 21.77 7.27 -16.20
CA GLN B 96 22.35 6.69 -14.99
C GLN B 96 21.27 6.05 -14.12
N ARG B 97 20.09 6.67 -14.05
CA ARG B 97 19.01 6.13 -13.22
C ARG B 97 18.45 4.83 -13.80
N ARG B 98 18.18 4.82 -15.10
CA ARG B 98 17.64 3.62 -15.73
C ARG B 98 18.53 2.41 -15.48
N ALA B 99 19.84 2.61 -15.45
CA ALA B 99 20.78 1.53 -15.16
C ALA B 99 21.07 1.37 -13.68
N ALA B 100 20.45 2.19 -12.82
CA ALA B 100 20.68 2.08 -11.38
C ALA B 100 19.99 0.87 -10.79
N VAL B 101 19.09 0.22 -11.52
CA VAL B 101 18.46 -1.00 -11.03
C VAL B 101 19.51 -2.07 -10.77
N ASP B 102 20.47 -2.20 -11.69
CA ASP B 102 21.55 -3.18 -11.53
C ASP B 102 22.68 -2.65 -10.66
N THR B 103 23.10 -1.40 -10.89
CA THR B 103 24.27 -0.86 -10.19
C THR B 103 23.99 -0.54 -8.73
N TYR B 104 22.73 -0.39 -8.34
CA TYR B 104 22.38 0.04 -6.99
C TYR B 104 21.47 -0.95 -6.30
N CYS B 105 20.27 -1.21 -6.83
CA CYS B 105 19.35 -2.11 -6.17
C CYS B 105 19.91 -3.53 -6.09
N ARG B 106 20.32 -4.08 -7.23
CA ARG B 106 20.85 -5.45 -7.25
C ARG B 106 22.17 -5.57 -6.49
N HIS B 107 22.97 -4.50 -6.46
CA HIS B 107 24.23 -4.54 -5.73
C HIS B 107 23.99 -4.74 -4.23
N ASN B 108 23.19 -3.86 -3.63
CA ASN B 108 22.96 -3.93 -2.19
C ASN B 108 22.32 -5.25 -1.79
N TYR B 109 21.48 -5.81 -2.65
CA TYR B 109 20.88 -7.11 -2.36
C TYR B 109 21.95 -8.18 -2.19
N GLY B 110 22.90 -8.24 -3.12
CA GLY B 110 23.99 -9.19 -3.01
C GLY B 110 24.83 -8.97 -1.77
N VAL B 111 25.04 -7.71 -1.40
CA VAL B 111 25.81 -7.40 -0.21
C VAL B 111 25.06 -7.83 1.05
N GLY B 112 23.75 -7.58 1.09
CA GLY B 112 22.94 -7.89 2.25
C GLY B 112 22.10 -9.15 2.16
N GLU B 113 22.34 -10.02 1.19
CA GLU B 113 21.55 -11.24 1.08
C GLU B 113 21.83 -12.21 2.21
N SER B 114 23.06 -12.21 2.72
CA SER B 114 23.46 -13.25 3.68
C SER B 114 22.81 -13.04 5.04
N PHE B 115 22.81 -11.81 5.54
CA PHE B 115 22.40 -11.53 6.91
C PHE B 115 21.04 -10.86 7.04
N THR B 116 20.31 -10.67 5.95
CA THR B 116 18.96 -10.11 6.03
C THR B 116 17.94 -11.02 5.35
N VAL B 117 18.12 -11.20 4.03
CA VAL B 117 17.20 -12.07 3.28
C VAL B 117 17.31 -13.50 3.77
N GLN B 118 18.52 -13.93 4.12
CA GLN B 118 18.76 -15.28 4.59
C GLN B 118 19.01 -15.27 6.09
N ARG B 119 18.19 -14.53 6.83
CA ARG B 119 18.29 -14.45 8.28
C ARG B 119 17.12 -15.21 8.89
N ARG B 120 17.43 -16.07 9.86
CA ARG B 120 16.44 -16.91 10.52
C ARG B 120 16.74 -16.93 12.01
N VAL B 121 15.76 -16.57 12.83
CA VAL B 121 15.90 -16.59 14.28
C VAL B 121 14.76 -17.43 14.85
N GLU B 122 15.10 -18.34 15.75
CA GLU B 122 14.13 -19.29 16.30
C GLU B 122 13.24 -18.62 17.34
N PRO B 123 11.92 -18.82 17.30
CA PRO B 123 11.03 -18.23 18.30
C PRO B 123 11.07 -18.98 19.62
N LYS B 124 10.61 -18.29 20.66
CA LYS B 124 10.46 -18.86 22.00
C LYS B 124 8.99 -18.87 22.36
N VAL B 125 8.44 -20.05 22.63
CA VAL B 125 7.01 -20.24 22.84
C VAL B 125 6.73 -20.46 24.32
N THR B 126 5.70 -19.78 24.82
CA THR B 126 5.25 -19.94 26.20
C THR B 126 3.73 -19.99 26.21
N VAL B 127 3.18 -20.86 27.06
CA VAL B 127 1.73 -20.97 27.26
C VAL B 127 1.45 -20.81 28.73
N TYR B 128 0.49 -19.93 29.06
CA TYR B 128 0.13 -19.63 30.43
C TYR B 128 -1.31 -19.15 30.45
N PRO B 129 -2.05 -19.46 31.52
CA PRO B 129 -3.46 -19.06 31.58
C PRO B 129 -3.61 -17.59 31.91
N SER B 130 -4.81 -17.08 31.63
CA SER B 130 -5.16 -15.69 31.90
C SER B 130 -6.67 -15.56 31.93
N LYS B 131 -7.15 -14.41 32.39
CA LYS B 131 -8.56 -14.12 32.52
C LYS B 131 -8.92 -12.93 31.64
N THR B 132 -9.87 -13.13 30.71
CA THR B 132 -10.31 -12.02 29.86
C THR B 132 -11.04 -10.96 30.67
N GLN B 133 -11.89 -11.38 31.60
CA GLN B 133 -12.59 -10.54 32.54
C GLN B 133 -12.36 -11.12 33.92
N PRO B 134 -12.60 -10.34 34.98
CA PRO B 134 -12.37 -10.87 36.34
C PRO B 134 -13.34 -11.98 36.73
N LEU B 135 -13.61 -12.91 35.80
CA LEU B 135 -14.38 -14.10 36.13
C LEU B 135 -13.63 -15.03 37.07
N GLN B 136 -12.30 -14.88 37.14
CA GLN B 136 -11.46 -15.55 38.13
C GLN B 136 -11.39 -17.06 37.92
N HIS B 137 -11.80 -17.57 36.76
CA HIS B 137 -11.71 -18.99 36.47
C HIS B 137 -10.68 -19.28 35.37
N HIS B 138 -9.88 -18.29 34.99
CA HIS B 138 -8.83 -18.45 33.97
C HIS B 138 -9.37 -19.06 32.69
N ASN B 139 -10.40 -18.41 32.14
CA ASN B 139 -11.02 -18.92 30.92
C ASN B 139 -10.10 -18.77 29.72
N LEU B 140 -9.31 -17.71 29.66
CA LEU B 140 -8.49 -17.49 28.48
C LEU B 140 -7.14 -18.17 28.62
N LEU B 141 -6.59 -18.59 27.49
CA LEU B 141 -5.26 -19.19 27.41
C LEU B 141 -4.41 -18.39 26.43
N VAL B 142 -3.16 -18.13 26.81
CA VAL B 142 -2.28 -17.29 26.02
C VAL B 142 -1.11 -18.13 25.53
N CYS B 143 -0.82 -18.02 24.22
CA CYS B 143 0.39 -18.60 23.63
C CYS B 143 1.27 -17.44 23.20
N SER B 144 2.39 -17.27 23.90
CA SER B 144 3.29 -16.14 23.67
C SER B 144 4.46 -16.61 22.80
N VAL B 145 4.61 -15.98 21.63
CA VAL B 145 5.71 -16.25 20.72
C VAL B 145 6.48 -14.96 20.51
N SER B 146 7.76 -14.96 20.84
CA SER B 146 8.56 -13.74 20.81
C SER B 146 9.96 -14.02 20.33
N GLY B 147 10.57 -13.02 19.68
CA GLY B 147 11.96 -13.07 19.31
C GLY B 147 12.30 -13.74 18.00
N PHE B 148 11.32 -13.91 17.11
CA PHE B 148 11.51 -14.64 15.87
C PHE B 148 11.74 -13.70 14.68
N TYR B 149 12.34 -14.26 13.64
CA TYR B 149 12.54 -13.56 12.38
C TYR B 149 12.71 -14.60 11.27
N PRO B 150 12.08 -14.37 10.11
CA PRO B 150 11.24 -13.22 9.74
C PRO B 150 9.80 -13.29 10.29
N GLY B 151 8.93 -12.42 9.79
CA GLY B 151 7.60 -12.30 10.36
C GLY B 151 6.67 -13.44 10.01
N SER B 152 6.86 -14.06 8.84
CA SER B 152 5.97 -15.12 8.38
C SER B 152 5.94 -16.26 9.38
N ILE B 153 4.78 -16.46 10.03
CA ILE B 153 4.66 -17.42 11.11
C ILE B 153 3.21 -17.89 11.15
N GLU B 154 3.02 -19.15 11.54
CA GLU B 154 1.69 -19.72 11.67
C GLU B 154 1.57 -20.36 13.04
N VAL B 155 0.62 -19.87 13.84
CA VAL B 155 0.38 -20.36 15.19
C VAL B 155 -1.03 -20.91 15.26
N ARG B 156 -1.14 -22.18 15.65
CA ARG B 156 -2.41 -22.88 15.73
C ARG B 156 -2.66 -23.36 17.16
N TRP B 157 -3.93 -23.45 17.53
CA TRP B 157 -4.34 -23.93 18.85
C TRP B 157 -5.00 -25.30 18.71
N PHE B 158 -4.60 -26.23 19.57
CA PHE B 158 -5.14 -27.58 19.56
C PHE B 158 -5.64 -27.94 20.95
N ARG B 159 -6.85 -28.52 21.01
CA ARG B 159 -7.45 -28.97 22.26
C ARG B 159 -7.69 -30.47 22.16
N ASN B 160 -7.03 -31.23 23.03
CA ASN B 160 -7.14 -32.70 23.06
C ASN B 160 -6.83 -33.29 21.68
N GLY B 161 -5.80 -32.76 21.03
CA GLY B 161 -5.40 -33.23 19.73
C GLY B 161 -6.24 -32.76 18.56
N GLN B 162 -7.27 -31.93 18.80
CA GLN B 162 -8.14 -31.46 17.73
C GLN B 162 -7.95 -29.97 17.52
N GLU B 163 -7.93 -29.56 16.25
CA GLU B 163 -7.68 -28.17 15.88
C GLU B 163 -8.84 -27.29 16.27
N GLU B 164 -8.56 -26.27 17.10
CA GLU B 164 -9.55 -25.30 17.54
C GLU B 164 -9.34 -24.01 16.76
N LYS B 165 -10.25 -23.73 15.82
CA LYS B 165 -10.13 -22.56 14.95
C LYS B 165 -11.20 -21.51 15.22
N ALA B 166 -12.15 -21.79 16.11
CA ALA B 166 -13.17 -20.83 16.50
C ALA B 166 -12.93 -20.40 17.95
N GLY B 167 -13.04 -19.11 18.20
CA GLY B 167 -12.69 -18.58 19.50
C GLY B 167 -11.22 -18.31 19.71
N VAL B 168 -10.47 -18.09 18.63
CA VAL B 168 -9.05 -17.76 18.70
C VAL B 168 -8.89 -16.29 18.32
N VAL B 169 -8.55 -15.46 19.32
CA VAL B 169 -8.25 -14.05 19.11
C VAL B 169 -6.75 -13.86 19.30
N SER B 170 -6.16 -12.98 18.52
CA SER B 170 -4.70 -12.84 18.51
C SER B 170 -4.31 -11.37 18.46
N THR B 171 -3.02 -11.14 18.68
CA THR B 171 -2.35 -9.91 18.33
C THR B 171 -1.67 -10.09 16.98
N GLY B 172 -1.64 -9.04 16.18
CA GLY B 172 -0.95 -9.08 14.92
C GLY B 172 0.54 -9.25 15.11
N LEU B 173 1.25 -9.20 13.99
CA LEU B 173 2.71 -9.25 14.04
C LEU B 173 3.24 -7.95 14.66
N ILE B 174 3.96 -8.09 15.78
CA ILE B 174 4.51 -6.94 16.49
C ILE B 174 5.98 -6.84 16.16
N GLN B 175 6.43 -5.66 15.78
CA GLN B 175 7.81 -5.40 15.39
C GLN B 175 8.52 -4.69 16.54
N ASN B 176 9.61 -5.28 17.03
CA ASN B 176 10.32 -4.73 18.18
C ASN B 176 11.37 -3.69 17.80
N GLY B 177 11.65 -3.51 16.51
CA GLY B 177 12.67 -2.58 16.09
C GLY B 177 14.09 -3.03 16.30
N ASP B 178 14.29 -4.25 16.83
CA ASP B 178 15.62 -4.82 17.00
C ASP B 178 15.80 -6.07 16.15
N TRP B 179 15.11 -6.13 15.01
CA TRP B 179 15.16 -7.26 14.08
C TRP B 179 14.60 -8.54 14.71
N THR B 180 13.62 -8.40 15.59
CA THR B 180 12.89 -9.53 16.16
C THR B 180 11.42 -9.16 16.27
N PHE B 181 10.58 -10.16 16.10
CA PHE B 181 9.14 -9.98 16.18
C PHE B 181 8.58 -10.70 17.42
N GLN B 182 7.34 -10.38 17.73
CA GLN B 182 6.60 -11.06 18.80
C GLN B 182 5.13 -11.05 18.44
N THR B 183 4.39 -12.02 19.00
CA THR B 183 2.97 -12.11 18.74
C THR B 183 2.31 -12.95 19.83
N LEU B 184 1.03 -12.67 20.09
CA LEU B 184 0.25 -13.42 21.06
C LEU B 184 -1.00 -13.96 20.38
N VAL B 185 -1.22 -15.27 20.50
CA VAL B 185 -2.42 -15.93 20.01
C VAL B 185 -3.14 -16.53 21.22
N MET B 186 -4.39 -16.13 21.41
CA MET B 186 -5.14 -16.43 22.62
C MET B 186 -6.36 -17.28 22.31
N LEU B 187 -6.71 -18.15 23.26
CA LEU B 187 -7.84 -19.06 23.12
C LEU B 187 -8.79 -18.89 24.31
N GLU B 188 -10.03 -18.51 24.03
CA GLU B 188 -11.06 -18.38 25.05
C GLU B 188 -11.74 -19.74 25.21
N THR B 189 -11.55 -20.37 26.37
CA THR B 189 -12.02 -21.74 26.59
C THR B 189 -12.44 -21.92 28.03
N VAL B 190 -13.18 -22.99 28.29
CA VAL B 190 -13.49 -23.38 29.66
C VAL B 190 -12.54 -24.51 30.04
N PRO B 191 -11.48 -24.22 30.82
CA PRO B 191 -10.50 -25.28 31.13
C PRO B 191 -11.08 -26.37 32.01
N ARG B 192 -11.43 -27.50 31.40
CA ARG B 192 -11.81 -28.69 32.15
C ARG B 192 -10.57 -29.38 32.68
N SER B 193 -10.61 -29.78 33.95
CA SER B 193 -9.48 -30.47 34.56
C SER B 193 -9.23 -31.79 33.85
N GLY B 194 -7.98 -32.02 33.44
CA GLY B 194 -7.59 -33.22 32.72
C GLY B 194 -7.40 -33.05 31.23
N GLU B 195 -7.79 -31.91 30.65
CA GLU B 195 -7.59 -31.68 29.23
C GLU B 195 -6.20 -31.11 28.98
N VAL B 196 -5.67 -31.40 27.80
CA VAL B 196 -4.34 -30.94 27.38
C VAL B 196 -4.49 -30.05 26.17
N TYR B 197 -3.93 -28.84 26.25
CA TYR B 197 -3.95 -27.89 25.15
C TYR B 197 -2.57 -27.80 24.54
N THR B 198 -2.52 -27.63 23.21
CA THR B 198 -1.28 -27.63 22.46
C THR B 198 -1.25 -26.40 21.56
N CYS B 199 -0.16 -25.63 21.64
CA CYS B 199 0.08 -24.51 20.75
C CYS B 199 1.17 -24.92 19.77
N GLN B 200 0.87 -24.89 18.48
CA GLN B 200 1.79 -25.32 17.43
C GLN B 200 2.22 -24.12 16.62
N VAL B 201 3.53 -23.92 16.52
CA VAL B 201 4.12 -22.79 15.81
C VAL B 201 4.93 -23.30 14.64
N GLU B 202 4.68 -22.75 13.45
CA GLU B 202 5.38 -23.12 12.23
C GLU B 202 6.08 -21.88 11.70
N HIS B 203 7.39 -21.98 11.51
CA HIS B 203 8.24 -20.85 11.20
C HIS B 203 9.32 -21.29 10.22
N PRO B 204 9.80 -20.39 9.36
CA PRO B 204 10.90 -20.76 8.45
C PRO B 204 12.17 -21.13 9.17
N SER B 205 12.36 -20.67 10.42
CA SER B 205 13.57 -20.96 11.15
C SER B 205 13.67 -22.42 11.58
N VAL B 206 12.56 -23.16 11.55
CA VAL B 206 12.52 -24.51 12.08
C VAL B 206 12.02 -25.46 11.01
N THR B 207 12.60 -26.66 10.97
CA THR B 207 12.13 -27.68 10.05
C THR B 207 10.82 -28.29 10.52
N SER B 208 10.71 -28.55 11.83
CA SER B 208 9.53 -29.14 12.44
C SER B 208 8.81 -28.12 13.31
N PRO B 209 7.47 -28.08 13.26
CA PRO B 209 6.74 -27.10 14.07
C PRO B 209 6.94 -27.32 15.56
N LEU B 210 7.11 -26.23 16.30
CA LEU B 210 7.27 -26.30 17.74
C LEU B 210 5.91 -26.51 18.40
N THR B 211 5.87 -27.36 19.42
CA THR B 211 4.66 -27.61 20.19
C THR B 211 4.93 -27.37 21.66
N VAL B 212 3.98 -26.72 22.33
CA VAL B 212 4.04 -26.47 23.77
C VAL B 212 2.68 -26.80 24.34
N GLU B 213 2.67 -27.48 25.49
CA GLU B 213 1.44 -27.96 26.09
C GLU B 213 1.21 -27.35 27.46
N TRP B 214 -0.05 -27.30 27.85
CA TRP B 214 -0.46 -26.77 29.14
C TRP B 214 -1.56 -27.65 29.69
N ARG B 215 -1.32 -28.24 30.87
CA ARG B 215 -2.26 -29.15 31.49
C ARG B 215 -3.01 -28.46 32.62
N ALA B 216 -4.33 -28.54 32.57
CA ALA B 216 -5.22 -27.90 33.56
C ALA B 216 -4.81 -28.23 35.00
N GLU C 4 -0.73 -15.03 -6.47
CA GLU C 4 -1.28 -14.03 -5.55
C GLU C 4 -2.32 -13.16 -6.25
N HIS C 5 -3.49 -13.03 -5.64
CA HIS C 5 -4.58 -12.22 -6.19
C HIS C 5 -5.38 -11.62 -5.05
N VAL C 6 -6.15 -10.58 -5.38
CA VAL C 6 -6.97 -9.87 -4.40
C VAL C 6 -8.36 -9.68 -4.99
N ILE C 7 -9.39 -10.14 -4.27
CA ILE C 7 -10.79 -9.97 -4.67
C ILE C 7 -11.45 -9.03 -3.69
N ILE C 8 -12.08 -7.98 -4.21
CA ILE C 8 -12.67 -6.92 -3.40
C ILE C 8 -14.18 -6.93 -3.60
N GLN C 9 -14.92 -6.90 -2.51
CA GLN C 9 -16.37 -6.69 -2.51
C GLN C 9 -16.58 -5.27 -2.01
N ALA C 10 -16.88 -4.35 -2.92
CA ALA C 10 -16.99 -2.94 -2.60
C ALA C 10 -18.42 -2.47 -2.80
N GLU C 11 -18.97 -1.82 -1.77
CA GLU C 11 -20.28 -1.22 -1.83
C GLU C 11 -20.19 0.18 -1.22
N PHE C 12 -21.13 1.05 -1.61
CA PHE C 12 -21.18 2.38 -1.02
C PHE C 12 -22.61 2.90 -1.11
N TYR C 13 -22.89 3.91 -0.29
CA TYR C 13 -24.15 4.62 -0.32
C TYR C 13 -23.87 6.10 -0.08
N LEU C 14 -24.56 6.96 -0.82
CA LEU C 14 -24.32 8.40 -0.78
C LEU C 14 -25.62 9.13 -0.56
N ASN C 15 -25.60 10.09 0.37
CA ASN C 15 -26.76 10.95 0.62
C ASN C 15 -26.36 12.39 0.35
N PRO C 16 -27.35 13.27 0.05
CA PRO C 16 -28.79 13.01 -0.08
C PRO C 16 -29.20 12.46 -1.44
N ASP C 17 -28.22 12.22 -2.33
CA ASP C 17 -28.54 11.72 -3.67
C ASP C 17 -29.19 10.34 -3.62
N GLN C 18 -29.00 9.59 -2.53
CA GLN C 18 -29.54 8.23 -2.39
C GLN C 18 -29.08 7.34 -3.54
N SER C 19 -27.80 7.46 -3.90
CA SER C 19 -27.19 6.64 -4.93
C SER C 19 -26.30 5.58 -4.27
N GLY C 20 -26.50 4.33 -4.68
CA GLY C 20 -25.75 3.23 -4.11
C GLY C 20 -25.22 2.33 -5.21
N GLU C 21 -24.26 1.48 -4.82
CA GLU C 21 -23.59 0.65 -5.81
C GLU C 21 -23.01 -0.58 -5.11
N PHE C 22 -22.99 -1.69 -5.86
CA PHE C 22 -22.47 -2.97 -5.38
C PHE C 22 -21.70 -3.62 -6.52
N MET C 23 -20.48 -4.08 -6.24
CA MET C 23 -19.63 -4.62 -7.29
C MET C 23 -18.50 -5.45 -6.69
N PHE C 24 -17.98 -6.36 -7.50
CA PHE C 24 -16.85 -7.20 -7.14
C PHE C 24 -15.67 -6.87 -8.05
N ASP C 25 -14.51 -6.62 -7.45
CA ASP C 25 -13.31 -6.21 -8.17
C ASP C 25 -12.22 -7.26 -7.98
N PHE C 26 -11.56 -7.63 -9.08
CA PHE C 26 -10.47 -8.60 -9.07
C PHE C 26 -9.24 -7.95 -9.67
N ASP C 27 -8.25 -7.67 -8.82
CA ASP C 27 -6.98 -7.07 -9.25
C ASP C 27 -7.19 -5.79 -10.05
N GLY C 28 -8.20 -5.00 -9.65
CA GLY C 28 -8.48 -3.72 -10.27
C GLY C 28 -9.41 -3.78 -11.47
N ASP C 29 -9.79 -4.96 -11.93
CA ASP C 29 -10.71 -5.10 -13.05
C ASP C 29 -12.06 -5.58 -12.53
N GLU C 30 -13.12 -4.91 -12.97
CA GLU C 30 -14.46 -5.19 -12.47
C GLU C 30 -14.91 -6.59 -12.91
N ILE C 31 -15.35 -7.40 -11.95
CA ILE C 31 -15.93 -8.70 -12.28
C ILE C 31 -17.39 -8.53 -12.71
N PHE C 32 -18.17 -7.84 -11.90
CA PHE C 32 -19.57 -7.57 -12.21
C PHE C 32 -20.07 -6.52 -11.22
N HIS C 33 -21.20 -5.90 -11.57
CA HIS C 33 -21.88 -4.98 -10.68
C HIS C 33 -23.37 -5.29 -10.75
N VAL C 34 -24.06 -5.01 -9.65
CA VAL C 34 -25.48 -5.30 -9.55
C VAL C 34 -26.24 -4.03 -9.89
N ASP C 35 -27.12 -4.12 -10.88
CA ASP C 35 -27.90 -2.98 -11.34
C ASP C 35 -29.12 -2.82 -10.44
N MET C 36 -29.20 -1.68 -9.76
CA MET C 36 -30.29 -1.46 -8.81
C MET C 36 -31.63 -1.40 -9.53
N ALA C 37 -31.69 -0.71 -10.67
CA ALA C 37 -32.96 -0.49 -11.36
C ALA C 37 -33.55 -1.81 -11.86
N LYS C 38 -32.73 -2.65 -12.49
CA LYS C 38 -33.21 -3.91 -13.05
C LYS C 38 -33.18 -5.05 -12.05
N LYS C 39 -32.59 -4.86 -10.87
CA LYS C 39 -32.50 -5.89 -9.83
C LYS C 39 -31.82 -7.14 -10.38
N GLU C 40 -30.72 -6.96 -11.10
CA GLU C 40 -30.05 -8.09 -11.72
C GLU C 40 -28.55 -7.83 -11.80
N THR C 41 -27.80 -8.92 -11.99
CA THR C 41 -26.36 -8.86 -12.13
C THR C 41 -25.96 -8.47 -13.56
N VAL C 42 -25.00 -7.57 -13.67
CA VAL C 42 -24.47 -7.12 -14.96
C VAL C 42 -22.98 -7.43 -14.98
N TRP C 43 -22.58 -8.45 -15.73
CA TRP C 43 -21.18 -8.85 -15.80
C TRP C 43 -20.39 -7.90 -16.69
N ARG C 44 -19.14 -7.63 -16.28
CA ARG C 44 -18.28 -6.73 -17.04
C ARG C 44 -17.97 -7.29 -18.42
N LEU C 45 -17.63 -8.57 -18.48
CA LEU C 45 -17.46 -9.29 -19.73
C LEU C 45 -18.54 -10.36 -19.79
N GLU C 46 -19.44 -10.23 -20.76
CA GLU C 46 -20.61 -11.10 -20.82
C GLU C 46 -20.23 -12.59 -20.90
N GLU C 47 -18.96 -12.90 -21.13
CA GLU C 47 -18.51 -14.29 -21.05
C GLU C 47 -18.66 -14.84 -19.63
N PHE C 48 -18.50 -13.98 -18.62
CA PHE C 48 -18.53 -14.44 -17.24
C PHE C 48 -19.90 -15.00 -16.84
N GLY C 49 -20.98 -14.44 -17.39
CA GLY C 49 -22.31 -14.87 -16.99
C GLY C 49 -22.56 -16.34 -17.25
N ARG C 50 -21.93 -16.89 -18.28
CA ARG C 50 -22.06 -18.31 -18.58
C ARG C 50 -21.36 -19.19 -17.55
N PHE C 51 -20.24 -18.70 -16.99
CA PHE C 51 -19.43 -19.54 -16.11
C PHE C 51 -19.96 -19.58 -14.68
N ALA C 52 -20.55 -18.50 -14.20
CA ALA C 52 -21.00 -18.40 -12.81
C ALA C 52 -22.36 -17.71 -12.77
N SER C 53 -22.86 -17.49 -11.55
CA SER C 53 -24.13 -16.81 -11.35
C SER C 53 -24.09 -16.11 -10.00
N PHE C 54 -25.04 -15.20 -9.81
CA PHE C 54 -25.11 -14.42 -8.59
C PHE C 54 -26.54 -13.98 -8.34
N GLU C 55 -26.94 -13.99 -7.07
CA GLU C 55 -28.28 -13.56 -6.67
C GLU C 55 -28.22 -12.08 -6.31
N ALA C 56 -28.86 -11.25 -7.13
CA ALA C 56 -28.84 -9.80 -6.91
C ALA C 56 -29.57 -9.41 -5.63
N GLN C 57 -30.41 -10.29 -5.08
CA GLN C 57 -31.12 -9.96 -3.84
C GLN C 57 -30.16 -9.76 -2.68
N GLY C 58 -29.15 -10.62 -2.57
CA GLY C 58 -28.15 -10.44 -1.53
C GLY C 58 -27.43 -9.11 -1.62
N ALA C 59 -27.25 -8.60 -2.85
CA ALA C 59 -26.66 -7.28 -3.04
C ALA C 59 -27.60 -6.19 -2.56
N LEU C 60 -28.87 -6.26 -2.98
CA LEU C 60 -29.84 -5.25 -2.58
C LEU C 60 -30.05 -5.25 -1.07
N ALA C 61 -29.82 -6.40 -0.41
CA ALA C 61 -29.90 -6.45 1.05
C ALA C 61 -28.76 -5.66 1.69
N ASN C 62 -27.55 -5.77 1.12
CA ASN C 62 -26.42 -5.05 1.67
C ASN C 62 -26.57 -3.54 1.50
N ILE C 63 -27.08 -3.10 0.35
CA ILE C 63 -27.23 -1.66 0.11
C ILE C 63 -28.18 -1.03 1.11
N ALA C 64 -29.29 -1.71 1.41
CA ALA C 64 -30.24 -1.18 2.38
C ALA C 64 -29.60 -0.99 3.74
N VAL C 65 -28.70 -1.92 4.13
CA VAL C 65 -27.96 -1.74 5.38
C VAL C 65 -26.99 -0.58 5.27
N ASP C 66 -26.32 -0.45 4.11
CA ASP C 66 -25.40 0.66 3.90
C ASP C 66 -26.10 2.00 4.05
N LYS C 67 -27.33 2.11 3.55
CA LYS C 67 -28.12 3.31 3.78
C LYS C 67 -28.36 3.54 5.27
N ALA C 68 -28.64 2.47 6.01
CA ALA C 68 -28.90 2.59 7.44
C ALA C 68 -27.65 3.02 8.19
N ASN C 69 -26.52 2.35 7.95
CA ASN C 69 -25.29 2.69 8.65
C ASN C 69 -24.81 4.09 8.32
N LEU C 70 -25.08 4.57 7.11
CA LEU C 70 -24.70 5.93 6.75
C LEU C 70 -25.47 6.95 7.57
N GLU C 71 -26.77 6.73 7.78
CA GLU C 71 -27.57 7.64 8.59
C GLU C 71 -27.13 7.61 10.06
N ILE C 72 -26.67 6.46 10.54
CA ILE C 72 -26.17 6.38 11.91
C ILE C 72 -24.85 7.12 12.04
N MET C 73 -23.95 6.92 11.07
CA MET C 73 -22.65 7.57 11.12
C MET C 73 -22.77 9.07 10.93
N THR C 74 -23.74 9.53 10.15
CA THR C 74 -23.92 10.97 9.93
C THR C 74 -24.26 11.66 11.25
N LYS C 75 -25.25 11.14 11.98
CA LYS C 75 -25.62 11.73 13.26
C LYS C 75 -24.47 11.61 14.26
N ARG C 76 -23.76 10.47 14.24
CA ARG C 76 -22.64 10.30 15.15
C ARG C 76 -21.53 11.32 14.87
N SER C 77 -21.25 11.58 13.60
CA SER C 77 -20.20 12.52 13.21
C SER C 77 -20.62 13.98 13.35
N ASN C 78 -21.77 14.25 13.97
CA ASN C 78 -22.32 15.61 14.08
C ASN C 78 -22.59 16.20 12.70
N TYR C 79 -22.91 15.32 11.74
CA TYR C 79 -23.25 15.70 10.37
C TYR C 79 -22.09 16.38 9.66
N THR C 80 -20.87 15.92 9.93
CA THR C 80 -19.71 16.41 9.21
C THR C 80 -19.84 16.05 7.73
N PRO C 81 -19.63 16.99 6.81
CA PRO C 81 -19.77 16.66 5.39
C PRO C 81 -18.46 16.18 4.77
N ILE C 82 -18.52 15.75 3.52
CA ILE C 82 -17.37 15.20 2.82
C ILE C 82 -16.63 16.33 2.13
N THR C 83 -15.32 16.18 1.99
CA THR C 83 -14.48 17.14 1.29
C THR C 83 -14.28 16.65 -0.14
N ASN C 84 -14.81 17.42 -1.10
CA ASN C 84 -14.68 17.04 -2.50
C ASN C 84 -13.21 16.94 -2.90
N VAL C 85 -12.91 16.01 -3.79
CA VAL C 85 -11.57 15.81 -4.34
C VAL C 85 -11.68 15.90 -5.86
N PRO C 86 -11.04 16.87 -6.51
CA PRO C 86 -11.16 17.00 -7.96
C PRO C 86 -10.55 15.81 -8.67
N PRO C 87 -11.15 15.38 -9.78
CA PRO C 87 -10.64 14.21 -10.50
C PRO C 87 -9.38 14.53 -11.29
N GLU C 88 -8.85 13.48 -11.95
CA GLU C 88 -7.66 13.56 -12.79
C GLU C 88 -8.00 12.88 -14.12
N VAL C 89 -8.46 13.68 -15.08
CA VAL C 89 -8.91 13.14 -16.36
C VAL C 89 -7.72 12.78 -17.21
N THR C 90 -7.88 11.76 -18.06
CA THR C 90 -6.82 11.33 -18.96
C THR C 90 -7.44 10.64 -20.17
N VAL C 91 -7.13 11.12 -21.37
CA VAL C 91 -7.67 10.56 -22.61
C VAL C 91 -6.56 9.76 -23.30
N LEU C 92 -6.86 8.51 -23.64
CA LEU C 92 -5.92 7.65 -24.33
C LEU C 92 -6.68 6.72 -25.27
N THR C 93 -5.95 6.15 -26.22
CA THR C 93 -6.52 5.25 -27.20
C THR C 93 -6.38 3.79 -26.73
N ASN C 94 -7.14 2.91 -27.40
CA ASN C 94 -7.10 1.48 -27.09
C ASN C 94 -5.99 0.77 -27.85
N SER C 95 -5.46 1.36 -28.91
CA SER C 95 -4.47 0.72 -29.76
C SER C 95 -3.81 1.81 -30.60
N PRO C 96 -2.75 1.47 -31.35
CA PRO C 96 -2.17 2.45 -32.27
C PRO C 96 -3.22 2.98 -33.25
N VAL C 97 -3.03 4.23 -33.65
CA VAL C 97 -4.04 4.97 -34.40
C VAL C 97 -3.62 4.99 -35.87
N GLU C 98 -4.34 4.24 -36.70
CA GLU C 98 -4.16 4.26 -38.14
C GLU C 98 -5.42 4.80 -38.80
N LEU C 99 -5.23 5.68 -39.79
CA LEU C 99 -6.36 6.28 -40.48
C LEU C 99 -7.24 5.23 -41.14
N ARG C 100 -8.55 5.46 -41.09
CA ARG C 100 -9.57 4.58 -41.68
C ARG C 100 -9.57 3.20 -41.02
N GLU C 101 -8.96 3.08 -39.84
CA GLU C 101 -8.93 1.83 -39.11
C GLU C 101 -9.74 2.01 -37.83
N PRO C 102 -10.80 1.23 -37.60
CA PRO C 102 -11.65 1.46 -36.43
C PRO C 102 -10.87 1.32 -35.13
N ASN C 103 -11.20 2.17 -34.16
CA ASN C 103 -10.49 2.22 -32.89
C ASN C 103 -11.43 2.68 -31.80
N VAL C 104 -10.91 2.76 -30.57
CA VAL C 104 -11.67 3.17 -29.41
C VAL C 104 -10.95 4.31 -28.70
N LEU C 105 -11.74 5.21 -28.10
CA LEU C 105 -11.22 6.30 -27.29
C LEU C 105 -11.64 6.10 -25.83
N ILE C 106 -10.72 6.36 -24.92
CA ILE C 106 -10.92 6.12 -23.50
C ILE C 106 -10.72 7.41 -22.73
N CYS C 107 -11.60 7.66 -21.75
CA CYS C 107 -11.48 8.80 -20.84
C CYS C 107 -11.38 8.25 -19.43
N PHE C 108 -10.18 8.31 -18.84
CA PHE C 108 -9.90 7.70 -17.55
C PHE C 108 -9.98 8.77 -16.46
N ILE C 109 -11.10 8.79 -15.74
CA ILE C 109 -11.28 9.69 -14.60
C ILE C 109 -10.76 8.99 -13.35
N ASP C 110 -9.99 9.69 -12.53
CA ASP C 110 -9.29 9.06 -11.42
C ASP C 110 -9.14 10.06 -10.28
N LYS C 111 -8.96 9.50 -9.07
CA LYS C 111 -8.66 10.25 -7.85
C LYS C 111 -9.72 11.32 -7.58
N PHE C 112 -10.92 10.87 -7.25
CA PHE C 112 -11.99 11.81 -6.94
C PHE C 112 -12.98 11.19 -5.96
N THR C 113 -13.68 12.07 -5.25
CA THR C 113 -14.76 11.71 -4.33
C THR C 113 -15.54 12.99 -4.03
N PRO C 114 -16.86 12.91 -3.86
CA PRO C 114 -17.76 11.76 -3.94
C PRO C 114 -17.99 11.28 -5.38
N PRO C 115 -18.56 9.94 -5.55
CA PRO C 115 -18.74 9.35 -6.89
C PRO C 115 -19.98 9.87 -7.61
N VAL C 116 -19.93 11.15 -7.99
CA VAL C 116 -20.98 11.78 -8.78
C VAL C 116 -20.31 12.69 -9.80
N VAL C 117 -20.40 12.32 -11.08
CA VAL C 117 -19.82 13.10 -12.16
C VAL C 117 -20.76 13.09 -13.35
N ASN C 118 -20.53 14.04 -14.26
CA ASN C 118 -21.21 14.13 -15.54
C ASN C 118 -20.15 14.20 -16.62
N VAL C 119 -20.12 13.19 -17.48
CA VAL C 119 -19.10 13.04 -18.51
C VAL C 119 -19.78 13.10 -19.87
N THR C 120 -19.27 13.94 -20.76
CA THR C 120 -19.83 14.09 -22.09
C THR C 120 -18.71 14.11 -23.12
N TRP C 121 -18.77 13.19 -24.08
CA TRP C 121 -17.85 13.19 -25.20
C TRP C 121 -18.21 14.28 -26.20
N LEU C 122 -17.19 14.94 -26.74
CA LEU C 122 -17.38 16.06 -27.65
C LEU C 122 -16.53 15.84 -28.89
N ARG C 123 -17.18 15.69 -30.04
CA ARG C 123 -16.51 15.72 -31.34
C ARG C 123 -16.69 17.13 -31.91
N ASN C 124 -15.59 17.81 -32.18
CA ASN C 124 -15.64 19.24 -32.45
C ASN C 124 -16.31 19.94 -31.28
N GLY C 125 -17.43 20.61 -31.51
CA GLY C 125 -18.14 21.20 -30.39
C GLY C 125 -19.46 20.54 -30.04
N LYS C 126 -19.81 19.48 -30.77
CA LYS C 126 -21.14 18.87 -30.58
C LYS C 126 -21.01 17.57 -29.77
N PRO C 127 -21.82 17.41 -28.73
CA PRO C 127 -21.75 16.20 -27.91
C PRO C 127 -22.09 14.93 -28.69
N VAL C 128 -21.73 13.80 -28.10
CA VAL C 128 -22.02 12.47 -28.63
C VAL C 128 -22.84 11.73 -27.58
N THR C 129 -23.93 11.08 -28.01
CA THR C 129 -24.83 10.45 -27.05
C THR C 129 -25.06 8.96 -27.28
N THR C 130 -24.94 8.46 -28.51
CA THR C 130 -25.18 7.06 -28.80
C THR C 130 -23.88 6.34 -29.15
N GLY C 131 -23.86 5.04 -28.92
CA GLY C 131 -22.70 4.22 -29.18
C GLY C 131 -21.59 4.28 -28.15
N VAL C 132 -21.73 5.14 -27.15
CA VAL C 132 -20.72 5.27 -26.10
C VAL C 132 -21.01 4.24 -25.01
N SER C 133 -20.03 3.99 -24.15
CA SER C 133 -20.20 3.10 -23.01
C SER C 133 -19.43 3.67 -21.83
N GLU C 134 -19.56 3.02 -20.68
CA GLU C 134 -18.92 3.51 -19.47
C GLU C 134 -18.81 2.36 -18.48
N THR C 135 -18.20 2.65 -17.34
CA THR C 135 -18.07 1.70 -16.24
C THR C 135 -18.57 2.36 -14.96
N VAL C 136 -19.14 1.55 -14.08
CA VAL C 136 -19.55 2.05 -12.77
C VAL C 136 -18.30 2.44 -11.98
N PHE C 137 -18.50 3.19 -10.90
CA PHE C 137 -17.37 3.69 -10.13
C PHE C 137 -16.63 2.55 -9.46
N LEU C 138 -15.33 2.49 -9.70
CA LEU C 138 -14.47 1.44 -9.17
C LEU C 138 -13.75 1.91 -7.91
N PRO C 139 -13.47 1.01 -6.99
CA PRO C 139 -12.83 1.41 -5.73
C PRO C 139 -11.35 1.71 -5.90
N ARG C 140 -10.78 2.37 -4.88
CA ARG C 140 -9.37 2.69 -4.85
C ARG C 140 -8.82 2.41 -3.46
N GLU C 141 -7.50 2.24 -3.39
CA GLU C 141 -6.85 1.98 -2.10
C GLU C 141 -7.04 3.15 -1.14
N ASP C 142 -6.82 4.37 -1.63
CA ASP C 142 -7.03 5.57 -0.84
C ASP C 142 -8.50 5.92 -0.70
N HIS C 143 -9.37 5.03 -1.15
CA HIS C 143 -10.83 5.12 -1.02
C HIS C 143 -11.45 6.20 -1.90
N LEU C 144 -10.69 6.72 -2.87
CA LEU C 144 -11.27 7.55 -3.92
C LEU C 144 -11.94 6.63 -4.94
N PHE C 145 -12.24 7.13 -6.13
CA PHE C 145 -12.97 6.34 -7.11
C PHE C 145 -12.33 6.44 -8.48
N ARG C 146 -12.73 5.51 -9.36
CA ARG C 146 -12.21 5.41 -10.71
C ARG C 146 -13.37 5.17 -11.67
N LYS C 147 -13.24 5.71 -12.88
CA LYS C 147 -14.28 5.53 -13.88
C LYS C 147 -13.67 5.53 -15.27
N PHE C 148 -14.33 4.83 -16.18
CA PHE C 148 -13.92 4.75 -17.58
C PHE C 148 -15.08 5.19 -18.46
N HIS C 149 -14.74 5.84 -19.57
CA HIS C 149 -15.73 6.21 -20.58
C HIS C 149 -15.16 5.92 -21.96
N TYR C 150 -15.90 5.17 -22.76
CA TYR C 150 -15.43 4.73 -24.06
C TYR C 150 -16.20 5.42 -25.18
N LEU C 151 -15.62 5.37 -26.38
CA LEU C 151 -16.22 5.93 -27.57
C LEU C 151 -15.59 5.26 -28.79
N PRO C 152 -16.20 4.22 -29.33
CA PRO C 152 -15.71 3.68 -30.61
C PRO C 152 -15.84 4.74 -31.70
N PHE C 153 -14.78 4.92 -32.47
CA PHE C 153 -14.76 5.99 -33.45
C PHE C 153 -13.93 5.54 -34.67
N LEU C 154 -13.76 6.47 -35.60
CA LEU C 154 -12.96 6.27 -36.80
C LEU C 154 -11.99 7.43 -36.87
N PRO C 155 -10.68 7.19 -36.77
CA PRO C 155 -9.74 8.31 -36.76
C PRO C 155 -9.78 9.08 -38.08
N SER C 156 -9.57 10.39 -37.97
CA SER C 156 -9.59 11.26 -39.14
C SER C 156 -8.80 12.52 -38.83
N THR C 157 -8.19 13.08 -39.88
CA THR C 157 -7.31 14.23 -39.73
C THR C 157 -8.07 15.48 -39.27
N GLU C 158 -9.31 15.65 -39.73
CA GLU C 158 -10.05 16.90 -39.56
C GLU C 158 -11.07 16.82 -38.42
N ASP C 159 -10.92 15.83 -37.53
CA ASP C 159 -11.81 15.66 -36.37
C ASP C 159 -11.03 15.80 -35.08
N VAL C 160 -11.57 16.57 -34.14
CA VAL C 160 -10.97 16.77 -32.83
C VAL C 160 -11.97 16.30 -31.77
N TYR C 161 -11.45 15.69 -30.70
CA TYR C 161 -12.28 15.12 -29.66
C TYR C 161 -11.93 15.73 -28.31
N ASP C 162 -12.90 15.73 -27.41
CA ASP C 162 -12.72 16.26 -26.06
C ASP C 162 -13.48 15.40 -25.08
N CYS C 163 -12.99 15.33 -23.85
CA CYS C 163 -13.69 14.68 -22.75
C CYS C 163 -14.02 15.75 -21.71
N ARG C 164 -15.31 16.02 -21.52
CA ARG C 164 -15.78 17.09 -20.64
C ARG C 164 -16.26 16.48 -19.34
N VAL C 165 -15.60 16.82 -18.25
CA VAL C 165 -15.86 16.24 -16.93
C VAL C 165 -16.29 17.36 -15.98
N GLU C 166 -17.37 17.13 -15.24
CA GLU C 166 -17.88 18.08 -14.26
C GLU C 166 -17.88 17.42 -12.89
N HIS C 167 -17.18 18.05 -11.93
CA HIS C 167 -17.15 17.56 -10.57
C HIS C 167 -17.16 18.75 -9.62
N TRP C 168 -17.79 18.55 -8.46
CA TRP C 168 -17.96 19.64 -7.50
C TRP C 168 -16.65 20.14 -6.90
N GLY C 169 -15.57 19.36 -7.01
CA GLY C 169 -14.28 19.84 -6.57
C GLY C 169 -13.56 20.78 -7.53
N LEU C 170 -14.16 21.06 -8.68
CA LEU C 170 -13.55 21.88 -9.71
C LEU C 170 -14.30 23.20 -9.84
N ASP C 171 -13.56 24.25 -10.24
CA ASP C 171 -14.17 25.56 -10.42
C ASP C 171 -14.87 25.66 -11.78
N GLU C 172 -14.22 25.19 -12.83
CA GLU C 172 -14.78 25.15 -14.18
C GLU C 172 -14.64 23.75 -14.74
N PRO C 173 -15.61 23.30 -15.55
CA PRO C 173 -15.54 21.93 -16.09
C PRO C 173 -14.24 21.65 -16.82
N LEU C 174 -13.58 20.56 -16.42
CA LEU C 174 -12.26 20.20 -16.93
C LEU C 174 -12.38 19.63 -18.34
N LEU C 175 -11.67 20.23 -19.28
CA LEU C 175 -11.68 19.82 -20.68
C LEU C 175 -10.33 19.22 -21.06
N LYS C 176 -10.34 17.95 -21.46
CA LYS C 176 -9.14 17.28 -21.95
C LYS C 176 -9.29 17.04 -23.45
N HIS C 177 -8.25 17.34 -24.21
CA HIS C 177 -8.31 17.33 -25.66
C HIS C 177 -7.57 16.12 -26.22
N TRP C 178 -8.03 15.65 -27.38
CA TRP C 178 -7.35 14.60 -28.11
C TRP C 178 -7.59 14.83 -29.60
N GLU C 179 -6.54 14.69 -30.41
CA GLU C 179 -6.67 14.81 -31.85
C GLU C 179 -5.58 13.98 -32.52
N PHE C 180 -5.89 13.51 -33.73
CA PHE C 180 -4.93 12.76 -34.52
C PHE C 180 -3.82 13.68 -35.00
N ASP C 181 -2.58 13.23 -34.84
CA ASP C 181 -1.41 14.03 -35.17
C ASP C 181 -0.75 13.46 -36.42
N THR C 182 -0.56 14.31 -37.43
CA THR C 182 0.07 13.92 -38.68
C THR C 182 1.50 14.44 -38.77
N TRP D 2 -21.38 -18.16 -6.28
CA TRP D 2 -20.67 -16.95 -5.89
C TRP D 2 -21.37 -16.28 -4.72
N ILE D 3 -20.69 -16.23 -3.57
CA ILE D 3 -21.27 -15.73 -2.33
C ILE D 3 -20.83 -14.28 -2.12
N SER D 4 -21.68 -13.50 -1.46
CA SER D 4 -21.37 -12.16 -1.00
C SER D 4 -21.60 -12.07 0.50
N LEU D 5 -20.68 -11.40 1.20
CA LEU D 5 -20.73 -11.37 2.65
C LEU D 5 -21.75 -10.36 3.14
N TRP D 6 -22.49 -10.74 4.18
CA TRP D 6 -23.49 -9.88 4.78
C TRP D 6 -22.86 -8.96 5.82
N LYS D 7 -23.62 -7.93 6.22
CA LYS D 7 -23.20 -6.93 7.19
C LYS D 7 -24.33 -6.66 8.17
N GLY D 8 -23.95 -6.46 9.43
CA GLY D 8 -24.90 -6.05 10.45
C GLY D 8 -25.06 -4.55 10.45
N PHE D 9 -25.62 -4.04 11.55
CA PHE D 9 -25.86 -2.62 11.71
C PHE D 9 -24.86 -2.02 12.69
N SER D 10 -24.66 -0.71 12.57
CA SER D 10 -23.77 0.01 13.48
C SER D 10 -24.49 0.22 14.81
N PHE D 11 -23.91 1.06 15.67
CA PHE D 11 -24.46 1.33 16.99
C PHE D 11 -25.14 2.69 16.99
N GLY D 12 -26.46 2.70 17.18
CA GLY D 12 -27.20 3.93 17.31
C GLY D 12 -28.34 4.01 16.34
N SER D 13 -28.75 5.23 16.02
CA SER D 13 -29.85 5.50 15.11
C SER D 13 -29.85 6.97 14.72
N THR D 29 -26.18 21.64 -4.21
CA THR D 29 -25.66 22.66 -3.30
C THR D 29 -25.63 22.14 -1.86
N ARG D 30 -26.52 21.18 -1.57
CA ARG D 30 -26.57 20.59 -0.24
C ARG D 30 -25.25 19.87 0.07
N PRO D 31 -24.94 19.68 1.36
CA PRO D 31 -23.76 18.89 1.71
C PRO D 31 -23.99 17.41 1.41
N ARG D 32 -22.88 16.70 1.23
CA ARG D 32 -22.90 15.30 0.88
C ARG D 32 -22.28 14.46 1.99
N PHE D 33 -22.84 13.25 2.16
CA PHE D 33 -22.35 12.28 3.12
C PHE D 33 -22.22 10.94 2.41
N LEU D 34 -21.05 10.33 2.52
CA LEU D 34 -20.75 9.09 1.81
C LEU D 34 -20.33 8.01 2.80
N TRP D 35 -20.80 6.78 2.58
CA TRP D 35 -20.44 5.64 3.39
C TRP D 35 -20.15 4.47 2.47
N GLN D 36 -19.11 3.71 2.80
CA GLN D 36 -18.70 2.58 1.98
C GLN D 36 -17.94 1.59 2.84
N LEU D 37 -18.10 0.31 2.52
CA LEU D 37 -17.35 -0.76 3.16
C LEU D 37 -16.72 -1.64 2.09
N LYS D 38 -15.62 -2.29 2.47
CA LYS D 38 -14.87 -3.11 1.54
C LYS D 38 -14.50 -4.42 2.22
N PHE D 39 -14.84 -5.53 1.57
CA PHE D 39 -14.44 -6.86 2.00
C PHE D 39 -13.29 -7.29 1.10
N GLU D 40 -12.09 -7.35 1.67
CA GLU D 40 -10.89 -7.67 0.91
C GLU D 40 -10.46 -9.10 1.24
N CYS D 41 -10.33 -9.92 0.20
CA CYS D 41 -9.74 -11.25 0.32
C CYS D 41 -8.36 -11.20 -0.31
N HIS D 42 -7.35 -11.58 0.47
CA HIS D 42 -5.97 -11.57 0.01
C HIS D 42 -5.48 -13.01 -0.05
N PHE D 43 -4.99 -13.41 -1.22
CA PHE D 43 -4.46 -14.75 -1.42
C PHE D 43 -2.96 -14.67 -1.65
N PHE D 44 -2.20 -15.40 -0.85
CA PHE D 44 -0.76 -15.53 -0.99
C PHE D 44 -0.48 -16.97 -1.38
N ASN D 45 0.21 -17.16 -2.50
CA ASN D 45 0.48 -18.50 -3.04
C ASN D 45 -0.82 -19.25 -3.27
N GLY D 46 -1.83 -18.55 -3.79
CA GLY D 46 -3.12 -19.17 -4.00
C GLY D 46 -3.94 -19.37 -2.74
N THR D 47 -4.67 -20.47 -2.69
CA THR D 47 -5.56 -20.79 -1.58
C THR D 47 -4.82 -21.26 -0.33
N GLU D 48 -3.51 -21.49 -0.45
CA GLU D 48 -2.76 -22.04 0.68
C GLU D 48 -2.84 -21.12 1.91
N ARG D 49 -2.56 -19.83 1.72
CA ARG D 49 -2.60 -18.86 2.81
C ARG D 49 -3.51 -17.71 2.39
N VAL D 50 -4.60 -17.50 3.14
CA VAL D 50 -5.60 -16.49 2.82
C VAL D 50 -5.78 -15.55 4.01
N ARG D 51 -6.07 -14.29 3.70
CA ARG D 51 -6.23 -13.24 4.71
C ARG D 51 -7.40 -12.35 4.30
N LEU D 52 -8.33 -12.14 5.23
CA LEU D 52 -9.55 -11.38 4.98
C LEU D 52 -9.52 -10.08 5.78
N LEU D 53 -9.87 -8.98 5.12
CA LEU D 53 -9.83 -7.66 5.74
C LEU D 53 -11.13 -6.94 5.42
N GLU D 54 -11.89 -6.59 6.47
CA GLU D 54 -13.14 -5.86 6.35
C GLU D 54 -12.90 -4.43 6.80
N ARG D 55 -13.40 -3.46 6.02
CA ARG D 55 -13.20 -2.05 6.32
C ARG D 55 -14.54 -1.31 6.28
N CYS D 56 -14.66 -0.30 7.15
CA CYS D 56 -15.81 0.60 7.18
C CYS D 56 -15.29 2.02 7.00
N ILE D 57 -15.62 2.64 5.88
CA ILE D 57 -15.04 3.91 5.47
C ILE D 57 -16.14 4.95 5.43
N TYR D 58 -16.16 5.83 6.43
CA TYR D 58 -17.06 6.97 6.46
C TYR D 58 -16.37 8.18 5.84
N ASN D 59 -17.02 8.80 4.86
CA ASN D 59 -16.45 9.90 4.07
C ASN D 59 -15.16 9.38 3.47
N GLN D 60 -14.00 9.95 3.78
CA GLN D 60 -12.72 9.43 3.30
C GLN D 60 -11.88 8.84 4.42
N GLU D 61 -12.46 8.66 5.60
CA GLU D 61 -11.75 8.15 6.77
C GLU D 61 -12.28 6.77 7.14
N GLU D 62 -11.36 5.83 7.32
CA GLU D 62 -11.72 4.51 7.81
C GLU D 62 -11.99 4.58 9.31
N SER D 63 -13.08 3.93 9.74
CA SER D 63 -13.54 4.01 11.12
C SER D 63 -13.37 2.71 11.89
N VAL D 64 -13.70 1.57 11.29
CA VAL D 64 -13.62 0.27 11.93
C VAL D 64 -13.05 -0.70 10.90
N ARG D 65 -12.40 -1.75 11.39
CA ARG D 65 -11.86 -2.76 10.50
C ARG D 65 -11.79 -4.10 11.23
N PHE D 66 -11.86 -5.17 10.44
CA PHE D 66 -11.71 -6.53 10.94
C PHE D 66 -10.60 -7.21 10.15
N ASP D 67 -9.55 -7.62 10.85
CA ASP D 67 -8.40 -8.28 10.23
C ASP D 67 -8.45 -9.75 10.59
N SER D 68 -8.32 -10.61 9.58
CA SER D 68 -8.35 -12.04 9.82
C SER D 68 -7.23 -12.46 10.78
N ASP D 69 -6.10 -11.77 10.75
CA ASP D 69 -4.99 -12.12 11.63
C ASP D 69 -5.29 -11.78 13.09
N VAL D 70 -5.98 -10.67 13.35
CA VAL D 70 -6.27 -10.29 14.73
C VAL D 70 -7.50 -11.02 15.26
N GLY D 71 -8.52 -11.21 14.41
CA GLY D 71 -9.69 -11.96 14.80
C GLY D 71 -10.74 -11.21 15.57
N GLU D 72 -10.58 -9.89 15.74
CA GLU D 72 -11.56 -9.08 16.44
C GLU D 72 -11.75 -7.77 15.69
N TYR D 73 -12.68 -6.96 16.17
CA TYR D 73 -12.91 -5.63 15.63
C TYR D 73 -12.08 -4.62 16.40
N ARG D 74 -11.31 -3.81 15.67
CA ARG D 74 -10.48 -2.76 16.24
C ARG D 74 -10.91 -1.43 15.62
N ALA D 75 -10.86 -0.37 16.43
CA ALA D 75 -11.29 0.95 15.99
C ALA D 75 -10.11 1.71 15.41
N VAL D 76 -10.32 2.35 14.27
CA VAL D 76 -9.28 3.14 13.62
C VAL D 76 -9.40 4.62 13.99
N THR D 77 -10.63 5.12 14.13
CA THR D 77 -10.89 6.48 14.56
C THR D 77 -11.90 6.45 15.70
N GLU D 78 -12.03 7.59 16.38
CA GLU D 78 -12.99 7.67 17.48
C GLU D 78 -14.43 7.55 17.01
N LEU D 79 -14.70 7.83 15.74
CA LEU D 79 -16.02 7.56 15.19
C LEU D 79 -16.35 6.08 15.22
N GLY D 80 -15.33 5.23 15.03
CA GLY D 80 -15.55 3.79 14.94
C GLY D 80 -15.62 3.07 16.27
N ARG D 81 -15.17 3.70 17.36
CA ARG D 81 -15.11 2.99 18.65
C ARG D 81 -16.44 2.42 19.11
N PRO D 82 -17.59 3.10 18.98
CA PRO D 82 -18.85 2.46 19.40
C PRO D 82 -19.16 1.18 18.62
N ASP D 83 -19.00 1.20 17.30
CA ASP D 83 -19.29 0.02 16.50
C ASP D 83 -18.35 -1.13 16.87
N ALA D 84 -17.07 -0.84 17.10
CA ALA D 84 -16.11 -1.89 17.44
C ALA D 84 -16.49 -2.58 18.75
N GLU D 85 -16.77 -1.80 19.79
CA GLU D 85 -17.23 -2.37 21.06
C GLU D 85 -18.54 -3.12 20.86
N TYR D 86 -19.43 -2.56 20.05
CA TYR D 86 -20.73 -3.18 19.81
C TYR D 86 -20.59 -4.51 19.08
N TRP D 87 -19.86 -4.51 17.97
CA TRP D 87 -19.73 -5.73 17.17
C TRP D 87 -18.93 -6.80 17.90
N ASN D 88 -17.97 -6.41 18.72
CA ASN D 88 -17.26 -7.40 19.54
C ASN D 88 -18.17 -7.96 20.62
N SER D 89 -19.19 -7.20 21.04
CA SER D 89 -20.16 -7.72 22.00
C SER D 89 -20.99 -8.85 21.40
N GLN D 90 -21.20 -8.82 20.08
CA GLN D 90 -21.97 -9.86 19.39
C GLN D 90 -21.05 -11.07 19.21
N LYS D 91 -21.18 -12.05 20.10
CA LYS D 91 -20.31 -13.21 20.03
C LYS D 91 -20.55 -14.01 18.76
N ASP D 92 -21.81 -14.12 18.34
CA ASP D 92 -22.13 -14.88 17.13
C ASP D 92 -21.51 -14.26 15.89
N LEU D 93 -21.42 -12.93 15.84
CA LEU D 93 -20.83 -12.25 14.68
C LEU D 93 -19.36 -12.60 14.51
N LEU D 94 -18.60 -12.59 15.61
CA LEU D 94 -17.17 -12.84 15.53
C LEU D 94 -16.88 -14.24 14.99
N GLU D 95 -17.59 -15.25 15.51
CA GLU D 95 -17.35 -16.63 15.09
C GLU D 95 -17.65 -16.83 13.61
N GLN D 96 -18.61 -16.09 13.06
CA GLN D 96 -18.92 -16.21 11.63
C GLN D 96 -17.84 -15.58 10.78
N ARG D 97 -17.28 -14.45 11.24
CA ARG D 97 -16.23 -13.77 10.47
C ARG D 97 -14.96 -14.60 10.44
N ARG D 98 -14.54 -15.11 11.60
CA ARG D 98 -13.34 -15.94 11.67
C ARG D 98 -13.42 -17.14 10.73
N ALA D 99 -14.61 -17.70 10.55
CA ALA D 99 -14.81 -18.82 9.63
C ALA D 99 -15.10 -18.39 8.21
N ALA D 100 -15.14 -17.08 7.93
CA ALA D 100 -15.43 -16.60 6.58
C ALA D 100 -14.28 -16.81 5.60
N VAL D 101 -13.09 -17.16 6.09
CA VAL D 101 -11.98 -17.43 5.17
C VAL D 101 -12.32 -18.59 4.25
N ASP D 102 -12.88 -19.67 4.80
CA ASP D 102 -13.27 -20.82 3.99
C ASP D 102 -14.64 -20.61 3.36
N THR D 103 -15.60 -20.07 4.12
CA THR D 103 -16.97 -19.93 3.63
C THR D 103 -17.12 -18.86 2.56
N TYR D 104 -16.22 -17.88 2.52
CA TYR D 104 -16.38 -16.74 1.64
C TYR D 104 -15.18 -16.54 0.71
N CYS D 105 -14.00 -16.26 1.27
CA CYS D 105 -12.83 -15.95 0.44
C CYS D 105 -12.43 -17.15 -0.41
N ARG D 106 -12.21 -18.31 0.23
CA ARG D 106 -11.78 -19.48 -0.50
C ARG D 106 -12.85 -20.01 -1.44
N HIS D 107 -14.13 -19.81 -1.08
CA HIS D 107 -15.22 -20.26 -1.93
C HIS D 107 -15.23 -19.51 -3.26
N ASN D 108 -15.27 -18.18 -3.21
CA ASN D 108 -15.34 -17.38 -4.42
C ASN D 108 -14.12 -17.58 -5.31
N TYR D 109 -12.95 -17.82 -4.71
CA TYR D 109 -11.75 -18.08 -5.51
C TYR D 109 -11.95 -19.30 -6.40
N GLY D 110 -12.45 -20.40 -5.83
CA GLY D 110 -12.70 -21.59 -6.63
C GLY D 110 -13.72 -21.35 -7.73
N VAL D 111 -14.74 -20.53 -7.46
CA VAL D 111 -15.73 -20.22 -8.48
C VAL D 111 -15.11 -19.45 -9.62
N GLY D 112 -14.23 -18.49 -9.30
CA GLY D 112 -13.59 -17.65 -10.28
C GLY D 112 -12.17 -18.02 -10.65
N GLU D 113 -11.70 -19.20 -10.24
CA GLU D 113 -10.33 -19.60 -10.56
C GLU D 113 -10.15 -19.86 -12.04
N SER D 114 -11.19 -20.34 -12.72
CA SER D 114 -11.05 -20.77 -14.11
C SER D 114 -10.93 -19.57 -15.05
N PHE D 115 -11.78 -18.56 -14.89
CA PHE D 115 -11.90 -17.49 -15.88
C PHE D 115 -11.27 -16.17 -15.44
N THR D 116 -10.60 -16.13 -14.29
CA THR D 116 -9.92 -14.92 -13.86
C THR D 116 -8.46 -15.22 -13.54
N VAL D 117 -8.22 -16.12 -12.58
CA VAL D 117 -6.86 -16.48 -12.20
C VAL D 117 -6.14 -17.14 -13.37
N GLN D 118 -6.84 -17.97 -14.14
CA GLN D 118 -6.23 -18.65 -15.27
C GLN D 118 -6.73 -18.08 -16.60
N ARG D 119 -6.78 -16.76 -16.70
CA ARG D 119 -7.19 -16.08 -17.92
C ARG D 119 -5.95 -15.45 -18.56
N ARG D 120 -5.75 -15.74 -19.85
CA ARG D 120 -4.61 -15.24 -20.58
C ARG D 120 -5.04 -14.86 -21.98
N VAL D 121 -4.74 -13.63 -22.38
CA VAL D 121 -5.05 -13.14 -23.71
C VAL D 121 -3.74 -12.66 -24.33
N GLU D 122 -3.51 -13.07 -25.58
CA GLU D 122 -2.25 -12.83 -26.26
C GLU D 122 -2.14 -11.38 -26.71
N PRO D 123 -0.99 -10.75 -26.51
CA PRO D 123 -0.81 -9.36 -26.95
C PRO D 123 -0.56 -9.25 -28.45
N LYS D 124 -0.76 -8.03 -28.95
CA LYS D 124 -0.49 -7.69 -30.34
C LYS D 124 0.62 -6.66 -30.36
N VAL D 125 1.73 -6.98 -31.04
CA VAL D 125 2.94 -6.16 -31.02
C VAL D 125 3.06 -5.43 -32.35
N THR D 126 3.40 -4.14 -32.27
CA THR D 126 3.64 -3.31 -33.44
C THR D 126 4.89 -2.46 -33.18
N VAL D 127 5.71 -2.29 -34.21
CA VAL D 127 6.88 -1.43 -34.15
C VAL D 127 6.76 -0.38 -35.24
N TYR D 128 6.94 0.89 -34.86
CA TYR D 128 6.83 1.97 -35.79
C TYR D 128 7.67 3.14 -35.30
N PRO D 129 8.30 3.89 -36.19
CA PRO D 129 9.12 5.02 -35.76
C PRO D 129 8.27 6.24 -35.40
N SER D 130 8.91 7.17 -34.69
CA SER D 130 8.25 8.42 -34.31
C SER D 130 9.33 9.44 -33.97
N LYS D 131 8.92 10.70 -33.92
CA LYS D 131 9.82 11.82 -33.68
C LYS D 131 9.36 12.56 -32.43
N THR D 132 10.26 12.71 -31.46
CA THR D 132 9.96 13.46 -30.24
C THR D 132 9.75 14.94 -30.55
N GLN D 136 16.01 15.63 -35.59
CA GLN D 136 15.68 15.08 -36.90
C GLN D 136 14.32 14.39 -36.87
N HIS D 137 13.97 13.71 -37.96
CA HIS D 137 12.76 12.91 -38.01
C HIS D 137 13.05 11.50 -37.56
N HIS D 138 12.02 10.83 -37.04
CA HIS D 138 12.14 9.46 -36.52
C HIS D 138 13.19 9.40 -35.40
N ASN D 139 12.97 10.22 -34.38
CA ASN D 139 13.92 10.32 -33.27
C ASN D 139 13.97 9.03 -32.46
N LEU D 140 12.84 8.37 -32.27
CA LEU D 140 12.77 7.17 -31.45
C LEU D 140 11.96 6.10 -32.16
N LEU D 141 12.13 4.86 -31.70
CA LEU D 141 11.35 3.73 -32.21
C LEU D 141 10.46 3.22 -31.09
N VAL D 142 9.21 2.96 -31.42
CA VAL D 142 8.18 2.62 -30.45
C VAL D 142 7.75 1.18 -30.66
N CYS D 143 7.69 0.41 -29.57
CA CYS D 143 7.15 -0.94 -29.59
C CYS D 143 5.84 -0.92 -28.81
N SER D 144 4.73 -1.07 -29.53
CA SER D 144 3.39 -0.98 -28.94
C SER D 144 2.87 -2.39 -28.67
N VAL D 145 2.54 -2.65 -27.41
CA VAL D 145 1.98 -3.93 -26.98
C VAL D 145 0.62 -3.64 -26.38
N SER D 146 -0.42 -4.28 -26.94
CA SER D 146 -1.79 -3.98 -26.54
C SER D 146 -2.62 -5.24 -26.51
N GLY D 147 -3.61 -5.26 -25.62
CA GLY D 147 -4.58 -6.33 -25.57
C GLY D 147 -4.20 -7.55 -24.76
N PHE D 148 -3.21 -7.44 -23.88
CA PHE D 148 -2.72 -8.62 -23.17
C PHE D 148 -3.29 -8.68 -21.75
N TYR D 149 -3.30 -9.90 -21.21
CA TYR D 149 -3.70 -10.17 -19.84
C TYR D 149 -3.06 -11.48 -19.40
N PRO D 150 -2.53 -11.55 -18.17
CA PRO D 150 -2.53 -10.52 -17.13
C PRO D 150 -1.48 -9.42 -17.33
N GLY D 151 -1.28 -8.60 -16.30
CA GLY D 151 -0.43 -7.43 -16.45
C GLY D 151 1.06 -7.72 -16.48
N SER D 152 1.50 -8.76 -15.78
CA SER D 152 2.92 -9.08 -15.69
C SER D 152 3.52 -9.32 -17.06
N ILE D 153 4.38 -8.41 -17.51
CA ILE D 153 4.95 -8.49 -18.85
C ILE D 153 6.28 -7.74 -18.86
N GLU D 154 7.22 -8.24 -19.65
CA GLU D 154 8.52 -7.60 -19.82
C GLU D 154 8.82 -7.49 -21.31
N VAL D 155 9.05 -6.26 -21.78
CA VAL D 155 9.32 -5.97 -23.17
C VAL D 155 10.73 -5.43 -23.29
N ARG D 156 11.54 -6.07 -24.13
CA ARG D 156 12.95 -5.73 -24.28
C ARG D 156 13.25 -5.31 -25.71
N TRP D 157 14.25 -4.44 -25.85
CA TRP D 157 14.68 -3.90 -27.14
C TRP D 157 16.05 -4.46 -27.50
N PHE D 158 16.20 -4.91 -28.75
CA PHE D 158 17.45 -5.46 -29.25
C PHE D 158 17.83 -4.71 -30.53
N ARG D 159 19.10 -4.32 -30.63
CA ARG D 159 19.63 -3.61 -31.79
C ARG D 159 20.72 -4.44 -32.44
N ASN D 160 20.50 -4.83 -33.70
CA ASN D 160 21.47 -5.59 -34.48
C ASN D 160 21.93 -6.84 -33.74
N GLY D 161 20.97 -7.51 -33.09
CA GLY D 161 21.31 -8.67 -32.29
C GLY D 161 21.98 -8.37 -30.98
N GLN D 162 22.17 -7.10 -30.65
CA GLN D 162 22.83 -6.66 -29.41
C GLN D 162 21.78 -6.00 -28.52
N GLU D 163 21.86 -6.29 -27.23
CA GLU D 163 20.87 -5.75 -26.29
C GLU D 163 21.11 -4.26 -26.11
N GLU D 164 20.14 -3.45 -26.52
CA GLU D 164 20.19 -2.01 -26.32
C GLU D 164 19.15 -1.69 -25.25
N LYS D 165 19.61 -1.49 -24.02
CA LYS D 165 18.71 -1.25 -22.89
C LYS D 165 18.89 0.12 -22.26
N ALA D 166 19.78 0.95 -22.79
CA ALA D 166 19.96 2.31 -22.29
C ALA D 166 19.35 3.28 -23.29
N GLY D 167 18.63 4.27 -22.77
CA GLY D 167 17.87 5.13 -23.64
C GLY D 167 16.51 4.58 -24.02
N VAL D 168 15.95 3.70 -23.22
CA VAL D 168 14.63 3.12 -23.46
C VAL D 168 13.67 3.77 -22.47
N VAL D 169 12.76 4.60 -22.98
CA VAL D 169 11.72 5.23 -22.20
C VAL D 169 10.40 4.57 -22.57
N SER D 170 9.53 4.41 -21.59
CA SER D 170 8.31 3.65 -21.79
C SER D 170 7.13 4.36 -21.15
N THR D 171 5.95 3.83 -21.43
CA THR D 171 4.75 4.14 -20.67
C THR D 171 4.60 3.06 -19.60
N GLY D 172 4.09 3.47 -18.44
CA GLY D 172 3.87 2.49 -17.38
C GLY D 172 2.84 1.44 -17.78
N LEU D 173 2.52 0.53 -16.87
CA LEU D 173 1.47 -0.43 -17.14
C LEU D 173 0.13 0.28 -17.17
N ILE D 174 -0.53 0.27 -18.32
CA ILE D 174 -1.79 0.96 -18.52
C ILE D 174 -2.93 -0.04 -18.49
N GLN D 175 -3.95 0.25 -17.69
CA GLN D 175 -5.11 -0.61 -17.54
C GLN D 175 -6.28 0.01 -18.31
N ASN D 176 -6.85 -0.77 -19.22
CA ASN D 176 -7.94 -0.29 -20.07
C ASN D 176 -9.32 -0.46 -19.44
N GLY D 177 -9.41 -1.13 -18.29
CA GLY D 177 -10.69 -1.34 -17.64
C GLY D 177 -11.59 -2.37 -18.27
N ASP D 178 -11.16 -3.01 -19.36
CA ASP D 178 -11.93 -4.06 -20.01
C ASP D 178 -11.21 -5.41 -19.93
N TRP D 179 -10.43 -5.60 -18.86
CA TRP D 179 -9.65 -6.82 -18.64
C TRP D 179 -8.57 -7.02 -19.70
N THR D 180 -8.03 -5.91 -20.21
CA THR D 180 -6.89 -5.92 -21.10
C THR D 180 -5.98 -4.76 -20.75
N PHE D 181 -4.69 -4.95 -20.93
CA PHE D 181 -3.68 -3.94 -20.67
C PHE D 181 -3.06 -3.48 -21.98
N GLN D 182 -2.34 -2.37 -21.90
CA GLN D 182 -1.57 -1.88 -23.03
C GLN D 182 -0.34 -1.15 -22.49
N THR D 183 0.69 -1.09 -23.31
CA THR D 183 1.91 -0.41 -22.92
C THR D 183 2.71 -0.06 -24.15
N LEU D 184 3.49 1.01 -24.06
CA LEU D 184 4.36 1.45 -25.13
C LEU D 184 5.79 1.49 -24.59
N VAL D 185 6.69 0.81 -25.29
CA VAL D 185 8.11 0.81 -24.96
C VAL D 185 8.85 1.46 -26.12
N MET D 186 9.57 2.53 -25.83
CA MET D 186 10.21 3.34 -26.86
C MET D 186 11.72 3.37 -26.65
N LEU D 187 12.45 3.39 -27.76
CA LEU D 187 13.91 3.43 -27.73
C LEU D 187 14.34 4.63 -28.57
N GLU D 188 15.00 5.59 -27.94
CA GLU D 188 15.45 6.80 -28.64
C GLU D 188 16.83 6.55 -29.23
N THR D 189 16.89 6.49 -30.56
CA THR D 189 18.12 6.19 -31.28
C THR D 189 18.08 6.93 -32.61
N VAL D 190 19.25 7.09 -33.21
CA VAL D 190 19.33 7.67 -34.55
C VAL D 190 19.45 6.53 -35.56
N PRO D 191 18.38 6.19 -36.26
CA PRO D 191 18.41 5.03 -37.17
C PRO D 191 19.35 5.22 -38.35
N ARG D 192 20.50 4.55 -38.30
CA ARG D 192 21.36 4.47 -39.48
C ARG D 192 20.74 3.49 -40.48
N SER D 193 20.74 3.88 -41.75
CA SER D 193 20.16 3.04 -42.78
C SER D 193 20.91 1.71 -42.85
N GLY D 194 20.16 0.61 -42.82
CA GLY D 194 20.73 -0.72 -42.79
C GLY D 194 20.67 -1.41 -41.43
N GLU D 195 20.28 -0.69 -40.38
CA GLU D 195 20.18 -1.28 -39.06
C GLU D 195 18.85 -2.02 -38.90
N VAL D 196 18.88 -3.08 -38.10
CA VAL D 196 17.70 -3.87 -37.78
C VAL D 196 17.49 -3.81 -36.27
N TYR D 197 16.30 -3.39 -35.86
CA TYR D 197 15.94 -3.33 -34.45
C TYR D 197 14.94 -4.43 -34.14
N THR D 198 15.01 -4.98 -32.94
CA THR D 198 14.17 -6.11 -32.55
C THR D 198 13.52 -5.83 -31.20
N CYS D 199 12.21 -5.99 -31.14
CA CYS D 199 11.44 -5.86 -29.91
C CYS D 199 11.01 -7.25 -29.45
N GLN D 200 11.40 -7.63 -28.23
CA GLN D 200 11.10 -8.93 -27.68
C GLN D 200 10.13 -8.80 -26.52
N VAL D 201 9.02 -9.52 -26.58
CA VAL D 201 7.97 -9.46 -25.57
C VAL D 201 7.83 -10.85 -24.95
N GLU D 202 7.85 -10.91 -23.63
CA GLU D 202 7.72 -12.16 -22.89
C GLU D 202 6.49 -12.08 -21.99
N HIS D 203 5.57 -13.02 -22.17
CA HIS D 203 4.28 -12.97 -21.50
C HIS D 203 3.84 -14.39 -21.17
N PRO D 204 3.09 -14.59 -20.08
CA PRO D 204 2.59 -15.94 -19.77
C PRO D 204 1.67 -16.53 -20.82
N SER D 205 1.04 -15.71 -21.66
CA SER D 205 0.09 -16.22 -22.64
C SER D 205 0.75 -17.02 -23.76
N VAL D 206 2.08 -16.91 -23.92
CA VAL D 206 2.77 -17.50 -25.06
C VAL D 206 3.87 -18.44 -24.56
N THR D 207 4.06 -19.55 -25.29
CA THR D 207 5.15 -20.47 -24.97
C THR D 207 6.50 -19.87 -25.34
N SER D 208 6.59 -19.25 -26.52
CA SER D 208 7.81 -18.64 -27.01
C SER D 208 7.66 -17.12 -27.04
N PRO D 209 8.69 -16.38 -26.62
CA PRO D 209 8.60 -14.92 -26.65
C PRO D 209 8.47 -14.40 -28.07
N LEU D 210 7.60 -13.41 -28.25
CA LEU D 210 7.37 -12.83 -29.56
C LEU D 210 8.48 -11.84 -29.93
N THR D 211 8.89 -11.86 -31.19
CA THR D 211 9.89 -10.94 -31.71
C THR D 211 9.33 -10.24 -32.94
N VAL D 212 9.55 -8.94 -33.02
CA VAL D 212 9.16 -8.13 -34.18
C VAL D 212 10.32 -7.21 -34.52
N GLU D 213 10.64 -7.09 -35.80
CA GLU D 213 11.78 -6.31 -36.24
C GLU D 213 11.36 -5.21 -37.19
N TRP D 214 12.20 -4.18 -37.26
CA TRP D 214 11.98 -3.00 -38.09
C TRP D 214 13.31 -2.64 -38.74
N ARG D 215 13.32 -2.57 -40.07
CA ARG D 215 14.53 -2.29 -40.83
C ARG D 215 14.55 -0.83 -41.20
N ALA D 216 15.65 -0.15 -40.86
CA ALA D 216 15.82 1.29 -41.07
C ALA D 216 15.48 1.74 -42.49
C1 NAG E . 11.86 18.64 23.46
C2 NAG E . 12.37 19.97 22.91
C3 NAG E . 11.50 21.13 23.42
C4 NAG E . 10.03 20.86 23.13
C5 NAG E . 9.61 19.45 23.56
C6 NAG E . 8.23 19.09 23.05
C7 NAG E . 14.50 20.33 24.24
C8 NAG E . 13.75 20.20 25.55
N2 NAG E . 13.80 20.22 23.09
O3 NAG E . 11.92 22.35 22.81
O4 NAG E . 9.23 21.81 23.81
O5 NAG E . 10.51 18.45 23.05
O6 NAG E . 7.56 20.23 22.55
O7 NAG E . 15.71 20.53 24.23
C1 NAG F . -23.92 17.02 -14.02
C2 NAG F . -25.15 17.80 -13.54
C3 NAG F . -24.72 19.06 -12.79
C4 NAG F . -23.71 18.72 -11.68
C5 NAG F . -22.58 17.85 -12.21
C6 NAG F . -21.67 17.32 -11.12
C7 NAG F . -27.29 18.53 -14.52
C8 NAG F . -28.02 18.86 -15.78
N2 NAG F . -26.01 18.15 -14.65
O3 NAG F . -25.85 19.70 -12.21
O4 NAG F . -23.19 19.91 -11.11
O5 NAG F . -23.10 16.71 -12.91
O6 NAG F . -22.41 16.53 -10.19
O7 NAG F . -27.82 18.61 -13.41
C1 NAG G . 3.29 -22.54 -2.37
C2 NAG G . 4.24 -23.06 -1.29
C3 NAG G . 4.86 -24.38 -1.71
C4 NAG G . 3.77 -25.38 -2.06
C5 NAG G . 2.82 -24.79 -3.11
C6 NAG G . 1.64 -25.68 -3.42
C7 NAG G . 5.84 -21.92 0.19
C8 NAG G . 6.89 -20.86 0.29
N2 NAG G . 5.27 -22.07 -1.01
O3 NAG G . 5.65 -24.89 -0.65
O4 NAG G . 4.35 -26.58 -2.57
O5 NAG G . 2.29 -23.55 -2.65
O6 NAG G . 0.46 -24.92 -3.65
O7 NAG G . 5.53 -22.63 1.14
#